data_4GEG
#
_entry.id   4GEG
#
_cell.length_a   250.499
_cell.length_b   41.589
_cell.length_c   93.081
_cell.angle_alpha   90.000
_cell.angle_beta   95.890
_cell.angle_gamma   90.000
#
_symmetry.space_group_name_H-M   'C 1 2 1'
#
loop_
_entity.id
_entity.type
_entity.pdbx_description
1 polymer '2-succinyl-6-hydroxy-2,4-cyclohexadiene-1-carboxylate synthase'
2 non-polymer 'SULFATE ION'
3 non-polymer 'CHLORIDE ION'
4 non-polymer 1,2-ETHANEDIOL
5 non-polymer GLYCEROL
6 water water
#
_entity_poly.entity_id   1
_entity_poly.type   'polypeptide(L)'
_entity_poly.pdbx_seq_one_letter_code
;MHHHHHHSSGLVPRGSMILHAQAKHGKPGLPWLVFLHGFSGDCHEWQEVGEAFADYSRLYVDLPGHGGSAAISVDGFDDV
TDLLRKTLVSYNILDFWLVGFSLGGRVAMMAACQGLAGLCGVIVEGGHPGLQNAEQRAERQRSDRQWVQRFLTEPLTAVF
ADWYQQPVFASLNDDQRRELVALRSNNNGATLAAMLEATSLAVQPDLRANLSARTFAFYYLCGERDSKFRALAAELAADC
HVIPRAGHNAHRENPAGVIASLAQILRF
;
_entity_poly.pdbx_strand_id   A,B,C
#
loop_
_chem_comp.id
_chem_comp.type
_chem_comp.name
_chem_comp.formula
CL non-polymer 'CHLORIDE ION' 'Cl -1'
EDO non-polymer 1,2-ETHANEDIOL 'C2 H6 O2'
GOL non-polymer GLYCEROL 'C3 H8 O3'
SO4 non-polymer 'SULFATE ION' 'O4 S -2'
#
# COMPACT_ATOMS: atom_id res chain seq x y z
N LEU A 11 -0.97 -9.08 -18.92
CA LEU A 11 0.31 -9.60 -19.40
C LEU A 11 1.00 -8.58 -20.33
N VAL A 12 2.13 -7.95 -19.89
CA VAL A 12 2.94 -6.97 -20.64
C VAL A 12 3.54 -7.61 -21.95
N PRO A 13 3.77 -6.85 -23.06
CA PRO A 13 4.29 -7.49 -24.29
C PRO A 13 5.68 -8.13 -24.15
N ARG A 14 5.97 -9.14 -24.99
CA ARG A 14 7.19 -9.95 -25.01
C ARG A 14 8.51 -9.13 -24.99
N GLY A 15 8.60 -8.08 -25.82
CA GLY A 15 9.80 -7.24 -25.90
C GLY A 15 9.99 -6.20 -24.82
N SER A 16 9.10 -6.16 -23.78
CA SER A 16 9.12 -5.23 -22.66
C SER A 16 10.49 -5.12 -21.94
N MET A 17 10.87 -3.90 -21.55
CA MET A 17 12.14 -3.65 -20.86
C MET A 17 11.89 -3.38 -19.37
N ILE A 18 10.62 -3.27 -18.97
CA ILE A 18 10.25 -3.16 -17.55
C ILE A 18 9.46 -4.46 -17.18
N LEU A 19 9.50 -4.89 -15.91
CA LEU A 19 8.73 -6.04 -15.47
C LEU A 19 7.36 -5.54 -14.99
N HIS A 20 6.32 -6.38 -15.09
CA HIS A 20 4.98 -6.04 -14.59
C HIS A 20 5.01 -5.98 -13.05
N ALA A 21 4.39 -4.93 -12.47
CA ALA A 21 4.40 -4.80 -11.02
C ALA A 21 3.16 -4.13 -10.51
N GLN A 22 2.88 -4.26 -9.21
CA GLN A 22 1.80 -3.57 -8.52
C GLN A 22 2.42 -2.63 -7.51
N ALA A 23 2.09 -1.34 -7.62
CA ALA A 23 2.64 -0.28 -6.80
C ALA A 23 1.65 0.22 -5.76
N LYS A 24 2.12 0.35 -4.53
CA LYS A 24 1.40 0.87 -3.38
C LYS A 24 2.30 1.97 -2.75
N HIS A 25 1.70 3.13 -2.41
CA HIS A 25 2.39 4.32 -1.90
C HIS A 25 2.08 4.60 -0.45
N GLY A 26 3.09 5.14 0.22
CA GLY A 26 3.07 5.52 1.63
C GLY A 26 3.58 6.94 1.78
N LYS A 27 4.44 7.17 2.79
CA LYS A 27 5.01 8.48 3.05
C LYS A 27 6.14 8.74 2.06
N PRO A 28 6.17 9.91 1.37
CA PRO A 28 7.22 10.14 0.36
C PRO A 28 8.66 10.13 0.90
N GLY A 29 8.88 10.49 2.16
CA GLY A 29 10.21 10.47 2.79
C GLY A 29 10.82 9.12 3.10
N LEU A 30 10.03 8.03 3.00
CA LEU A 30 10.49 6.67 3.29
C LEU A 30 10.85 5.92 2.01
N PRO A 31 11.81 4.97 2.02
CA PRO A 31 12.15 4.26 0.78
C PRO A 31 11.05 3.29 0.34
N TRP A 32 11.28 2.61 -0.79
CA TRP A 32 10.39 1.58 -1.31
C TRP A 32 10.83 0.23 -0.77
N LEU A 33 9.89 -0.65 -0.62
CA LEU A 33 10.15 -2.03 -0.23
C LEU A 33 9.83 -2.82 -1.47
N VAL A 34 10.88 -3.30 -2.16
CA VAL A 34 10.73 -3.99 -3.43
C VAL A 34 10.82 -5.49 -3.16
N PHE A 35 9.64 -6.13 -3.24
CA PHE A 35 9.40 -7.54 -2.93
C PHE A 35 9.53 -8.42 -4.16
N LEU A 36 10.23 -9.54 -4.01
CA LEU A 36 10.47 -10.49 -5.11
C LEU A 36 10.10 -11.91 -4.67
N HIS A 37 9.10 -12.49 -5.35
CA HIS A 37 8.55 -13.83 -5.09
C HIS A 37 9.56 -14.93 -5.45
N GLY A 38 9.24 -16.16 -5.07
CA GLY A 38 10.09 -17.31 -5.41
C GLY A 38 9.64 -17.98 -6.69
N PHE A 39 10.23 -19.13 -7.02
CA PHE A 39 9.83 -19.89 -8.20
C PHE A 39 8.37 -20.31 -8.11
N SER A 40 7.60 -20.02 -9.19
CA SER A 40 6.17 -20.29 -9.47
C SER A 40 5.24 -19.25 -8.84
N GLY A 41 5.84 -18.27 -8.16
CA GLY A 41 5.08 -17.19 -7.54
C GLY A 41 4.72 -16.09 -8.52
N ASP A 42 4.12 -15.02 -8.01
CA ASP A 42 3.73 -13.81 -8.72
C ASP A 42 3.73 -12.69 -7.66
N CYS A 43 3.36 -11.46 -8.03
CA CYS A 43 3.38 -10.28 -7.16
C CYS A 43 2.50 -10.38 -5.90
N HIS A 44 1.54 -11.31 -5.87
CA HIS A 44 0.64 -11.47 -4.73
C HIS A 44 1.28 -12.13 -3.50
N GLU A 45 2.37 -12.88 -3.75
CA GLU A 45 3.18 -13.64 -2.79
C GLU A 45 3.44 -12.89 -1.46
N TRP A 46 4.07 -11.71 -1.54
CA TRP A 46 4.53 -10.91 -0.42
C TRP A 46 3.53 -9.81 0.03
N GLN A 47 2.34 -9.72 -0.60
CA GLN A 47 1.33 -8.68 -0.34
C GLN A 47 0.72 -8.74 1.07
N GLU A 48 0.60 -9.92 1.68
CA GLU A 48 0.07 -10.08 3.04
C GLU A 48 1.00 -9.44 4.07
N VAL A 49 2.32 -9.70 3.95
CA VAL A 49 3.27 -9.16 4.91
C VAL A 49 3.63 -7.72 4.54
N GLY A 50 3.77 -7.48 3.25
CA GLY A 50 4.20 -6.20 2.70
C GLY A 50 3.31 -5.01 2.97
N GLU A 51 1.98 -5.22 2.88
CA GLU A 51 0.94 -4.21 3.09
C GLU A 51 0.83 -3.78 4.55
N ALA A 52 1.47 -4.51 5.46
CA ALA A 52 1.59 -4.21 6.88
C ALA A 52 2.53 -3.02 7.11
N PHE A 53 3.38 -2.70 6.10
CA PHE A 53 4.32 -1.57 6.15
C PHE A 53 3.76 -0.40 5.37
N ALA A 54 2.52 0.00 5.74
CA ALA A 54 1.68 1.05 5.15
C ALA A 54 2.38 2.42 5.01
N ASP A 55 3.38 2.71 5.87
CA ASP A 55 4.12 3.97 5.89
C ASP A 55 5.17 4.00 4.76
N TYR A 56 5.70 2.82 4.41
CA TYR A 56 6.65 2.67 3.33
C TYR A 56 5.91 2.58 2.02
N SER A 57 6.66 2.72 0.90
CA SER A 57 6.06 2.52 -0.42
C SER A 57 6.42 1.10 -0.82
N ARG A 58 5.51 0.39 -1.53
CA ARG A 58 5.72 -1.02 -1.89
C ARG A 58 5.59 -1.28 -3.40
N LEU A 59 6.42 -2.18 -3.90
CA LEU A 59 6.43 -2.65 -5.27
C LEU A 59 6.55 -4.16 -5.25
N TYR A 60 5.53 -4.79 -5.80
CA TYR A 60 5.45 -6.23 -5.91
C TYR A 60 5.65 -6.57 -7.35
N VAL A 61 6.85 -7.01 -7.66
CA VAL A 61 7.33 -7.34 -8.99
C VAL A 61 7.01 -8.80 -9.34
N ASP A 62 6.76 -9.04 -10.66
CA ASP A 62 6.61 -10.35 -11.28
C ASP A 62 7.91 -10.63 -11.97
N LEU A 63 8.62 -11.69 -11.56
CA LEU A 63 9.90 -12.00 -12.19
C LEU A 63 9.70 -12.51 -13.63
N PRO A 64 10.72 -12.43 -14.50
CA PRO A 64 10.55 -12.96 -15.86
C PRO A 64 9.96 -14.38 -15.84
N GLY A 65 8.97 -14.63 -16.71
CA GLY A 65 8.33 -15.93 -16.78
C GLY A 65 7.19 -16.13 -15.80
N HIS A 66 7.00 -15.18 -14.86
CA HIS A 66 5.95 -15.30 -13.84
C HIS A 66 4.89 -14.20 -14.01
N GLY A 67 3.68 -14.48 -13.47
CA GLY A 67 2.53 -13.60 -13.48
C GLY A 67 2.35 -12.80 -14.74
N GLY A 68 2.44 -11.47 -14.62
CA GLY A 68 2.32 -10.53 -15.74
C GLY A 68 3.57 -10.35 -16.58
N SER A 69 4.70 -10.92 -16.15
CA SER A 69 5.97 -10.87 -16.88
C SER A 69 6.27 -12.25 -17.57
N ALA A 70 5.19 -13.06 -17.85
CA ALA A 70 5.30 -14.39 -18.46
C ALA A 70 5.97 -14.39 -19.85
N ALA A 71 5.76 -13.35 -20.66
CA ALA A 71 6.36 -13.32 -21.99
C ALA A 71 7.81 -12.76 -21.98
N ILE A 72 8.29 -12.24 -20.83
CA ILE A 72 9.66 -11.72 -20.73
C ILE A 72 10.61 -12.91 -20.54
N SER A 73 11.44 -13.16 -21.55
CA SER A 73 12.46 -14.21 -21.54
C SER A 73 13.81 -13.60 -21.17
N VAL A 74 14.61 -14.34 -20.40
CA VAL A 74 15.94 -13.90 -19.94
C VAL A 74 16.97 -14.98 -20.26
N ASP A 75 18.24 -14.58 -20.43
CA ASP A 75 19.33 -15.50 -20.74
C ASP A 75 20.07 -15.91 -19.46
N GLY A 76 19.90 -15.13 -18.42
CA GLY A 76 20.57 -15.32 -17.15
C GLY A 76 20.37 -14.13 -16.24
N PHE A 77 21.03 -14.18 -15.06
CA PHE A 77 20.90 -13.17 -13.99
C PHE A 77 21.27 -11.71 -14.38
N ASP A 78 22.05 -11.47 -15.46
CA ASP A 78 22.40 -10.10 -15.88
C ASP A 78 21.21 -9.38 -16.51
N ASP A 79 20.35 -10.14 -17.23
CA ASP A 79 19.16 -9.67 -17.91
C ASP A 79 18.10 -9.39 -16.89
N VAL A 80 18.02 -10.25 -15.86
CA VAL A 80 17.12 -10.14 -14.70
C VAL A 80 17.42 -8.83 -13.98
N THR A 81 18.72 -8.58 -13.63
CA THR A 81 19.21 -7.39 -12.92
C THR A 81 18.90 -6.11 -13.73
N ASP A 82 19.09 -6.18 -15.06
CA ASP A 82 18.80 -5.12 -16.01
C ASP A 82 17.35 -4.72 -15.98
N LEU A 83 16.45 -5.71 -16.11
CA LEU A 83 15.00 -5.54 -16.10
C LEU A 83 14.53 -4.97 -14.74
N LEU A 84 15.17 -5.40 -13.62
CA LEU A 84 14.88 -4.88 -12.27
C LEU A 84 15.22 -3.36 -12.18
N ARG A 85 16.45 -2.99 -12.62
CA ARG A 85 16.97 -1.61 -12.65
C ARG A 85 16.00 -0.69 -13.44
N LYS A 86 15.67 -1.10 -14.68
CA LYS A 86 14.71 -0.43 -15.57
C LYS A 86 13.31 -0.29 -14.90
N THR A 87 12.76 -1.38 -14.28
CA THR A 87 11.45 -1.36 -13.57
C THR A 87 11.48 -0.37 -12.37
N LEU A 88 12.62 -0.28 -11.65
CA LEU A 88 12.77 0.62 -10.51
C LEU A 88 12.72 2.09 -10.97
N VAL A 89 13.44 2.45 -12.05
CA VAL A 89 13.49 3.79 -12.65
C VAL A 89 12.11 4.18 -13.23
N SER A 90 11.47 3.26 -13.99
CA SER A 90 10.14 3.44 -14.60
C SER A 90 9.03 3.70 -13.56
N TYR A 91 9.29 3.36 -12.28
CA TYR A 91 8.37 3.58 -11.18
C TYR A 91 8.83 4.78 -10.30
N ASN A 92 9.88 5.50 -10.76
CA ASN A 92 10.50 6.67 -10.11
C ASN A 92 11.02 6.33 -8.70
N ILE A 93 11.59 5.11 -8.55
CA ILE A 93 12.11 4.63 -7.27
C ILE A 93 13.57 5.07 -7.17
N LEU A 94 13.89 5.82 -6.11
CA LEU A 94 15.24 6.35 -5.95
C LEU A 94 15.98 5.70 -4.78
N ASP A 95 15.22 5.34 -3.72
CA ASP A 95 15.68 4.64 -2.52
C ASP A 95 14.82 3.42 -2.32
N PHE A 96 15.45 2.26 -2.17
CA PHE A 96 14.70 1.00 -2.05
C PHE A 96 15.49 -0.08 -1.33
N TRP A 97 14.74 -1.05 -0.83
CA TRP A 97 15.20 -2.29 -0.24
C TRP A 97 14.76 -3.41 -1.15
N LEU A 98 15.58 -4.44 -1.30
CA LEU A 98 15.16 -5.61 -2.05
C LEU A 98 14.79 -6.67 -1.03
N VAL A 99 13.58 -7.21 -1.07
CA VAL A 99 13.13 -8.23 -0.13
C VAL A 99 12.74 -9.43 -0.99
N GLY A 100 13.52 -10.48 -0.95
CA GLY A 100 13.26 -11.63 -1.81
C GLY A 100 13.12 -12.97 -1.14
N PHE A 101 12.14 -13.80 -1.62
CA PHE A 101 11.97 -15.16 -1.12
C PHE A 101 12.52 -16.16 -2.12
N SER A 102 13.34 -17.11 -1.62
CA SER A 102 14.00 -18.16 -2.38
C SER A 102 14.55 -17.62 -3.70
N LEU A 103 13.97 -17.99 -4.89
CA LEU A 103 14.44 -17.50 -6.20
C LEU A 103 14.56 -15.97 -6.22
N GLY A 104 13.57 -15.28 -5.66
CA GLY A 104 13.58 -13.82 -5.59
C GLY A 104 14.70 -13.26 -4.74
N GLY A 105 15.08 -14.03 -3.71
CA GLY A 105 16.19 -13.73 -2.80
C GLY A 105 17.50 -13.80 -3.54
N ARG A 106 17.65 -14.83 -4.40
CA ARG A 106 18.81 -15.11 -5.25
C ARG A 106 18.99 -13.97 -6.26
N VAL A 107 17.86 -13.45 -6.84
CA VAL A 107 17.88 -12.34 -7.80
C VAL A 107 18.10 -11.01 -7.03
N ALA A 108 17.75 -10.93 -5.73
CA ALA A 108 18.01 -9.73 -4.91
C ALA A 108 19.48 -9.64 -4.52
N MET A 109 20.14 -10.78 -4.31
CA MET A 109 21.56 -10.86 -3.93
C MET A 109 22.48 -10.65 -5.15
N MET A 110 22.09 -11.22 -6.32
CA MET A 110 22.84 -11.10 -7.58
C MET A 110 22.89 -9.65 -7.97
N ALA A 111 21.71 -9.03 -8.02
CA ALA A 111 21.50 -7.63 -8.33
C ALA A 111 22.29 -6.72 -7.40
N ALA A 112 22.23 -6.96 -6.10
CA ALA A 112 22.94 -6.18 -5.09
C ALA A 112 24.47 -6.32 -5.23
N CYS A 113 24.98 -7.55 -5.48
CA CYS A 113 26.43 -7.75 -5.63
C CYS A 113 26.93 -7.19 -6.95
N GLN A 114 26.03 -7.07 -7.95
CA GLN A 114 26.36 -6.48 -9.25
C GLN A 114 26.48 -4.98 -9.08
N GLY A 115 25.59 -4.43 -8.27
CA GLY A 115 25.57 -3.00 -7.96
C GLY A 115 24.35 -2.27 -8.46
N LEU A 116 23.49 -1.82 -7.52
CA LEU A 116 22.27 -1.07 -7.81
C LEU A 116 22.28 0.26 -7.08
N ALA A 117 22.11 1.37 -7.83
CA ALA A 117 22.11 2.72 -7.31
C ALA A 117 20.82 2.96 -6.53
N GLY A 118 20.96 3.45 -5.30
CA GLY A 118 19.82 3.74 -4.42
C GLY A 118 19.41 2.64 -3.48
N LEU A 119 20.20 1.57 -3.42
CA LEU A 119 20.00 0.43 -2.53
C LEU A 119 20.27 0.81 -1.07
N CYS A 120 19.27 0.63 -0.20
CA CYS A 120 19.37 0.89 1.24
C CYS A 120 19.71 -0.44 1.96
N GLY A 121 19.33 -1.54 1.33
CA GLY A 121 19.60 -2.86 1.86
C GLY A 121 18.91 -3.96 1.09
N VAL A 122 19.08 -5.20 1.58
CA VAL A 122 18.51 -6.38 0.97
C VAL A 122 18.20 -7.38 2.07
N ILE A 123 16.96 -7.90 2.06
CA ILE A 123 16.52 -8.93 3.02
C ILE A 123 16.22 -10.19 2.20
N VAL A 124 16.89 -11.31 2.52
CA VAL A 124 16.71 -12.57 1.82
C VAL A 124 16.10 -13.61 2.74
N GLU A 125 14.98 -14.20 2.28
CA GLU A 125 14.27 -15.24 3.02
C GLU A 125 14.41 -16.57 2.28
N GLY A 126 15.21 -17.46 2.84
CA GLY A 126 15.50 -18.77 2.27
C GLY A 126 16.11 -18.77 0.88
N GLY A 127 17.01 -17.83 0.61
CA GLY A 127 17.71 -17.69 -0.67
C GLY A 127 19.09 -18.33 -0.61
N HIS A 128 19.46 -19.15 -1.63
CA HIS A 128 20.77 -19.83 -1.63
C HIS A 128 21.89 -18.82 -2.03
N PRO A 129 22.95 -18.60 -1.19
CA PRO A 129 24.06 -17.70 -1.62
C PRO A 129 24.88 -18.25 -2.80
N GLY A 130 24.65 -19.51 -3.17
CA GLY A 130 25.31 -20.21 -4.26
C GLY A 130 26.05 -21.46 -3.82
N LEU A 131 26.27 -22.39 -4.77
CA LEU A 131 27.04 -23.60 -4.52
C LEU A 131 28.55 -23.26 -4.48
N GLN A 132 29.36 -24.05 -3.76
CA GLN A 132 30.78 -23.75 -3.56
C GLN A 132 31.77 -24.32 -4.62
N ASN A 133 31.35 -25.26 -5.51
CA ASN A 133 32.26 -25.87 -6.52
C ASN A 133 31.46 -26.41 -7.70
N ALA A 134 32.19 -26.75 -8.81
CA ALA A 134 31.66 -27.22 -10.08
C ALA A 134 30.95 -28.56 -9.98
N GLU A 135 31.44 -29.47 -9.13
CA GLU A 135 30.85 -30.78 -8.94
C GLU A 135 29.40 -30.61 -8.45
N GLN A 136 29.17 -29.74 -7.45
CA GLN A 136 27.84 -29.44 -6.89
C GLN A 136 26.94 -28.78 -7.95
N ARG A 137 27.56 -27.98 -8.82
CA ARG A 137 26.86 -27.23 -9.86
C ARG A 137 26.46 -28.14 -11.00
N ALA A 138 27.32 -29.08 -11.38
CA ALA A 138 27.01 -30.08 -12.42
C ALA A 138 25.88 -30.97 -11.96
N GLU A 139 25.81 -31.22 -10.64
CA GLU A 139 24.83 -32.05 -9.97
C GLU A 139 23.43 -31.38 -9.96
N ARG A 140 23.39 -30.04 -9.76
CA ARG A 140 22.16 -29.23 -9.71
C ARG A 140 21.68 -29.01 -11.14
N GLN A 141 22.63 -28.91 -12.11
CA GLN A 141 22.39 -28.81 -13.55
C GLN A 141 21.54 -29.99 -14.03
N ARG A 142 21.93 -31.24 -13.65
CA ARG A 142 21.25 -32.50 -14.01
C ARG A 142 19.77 -32.49 -13.57
N SER A 143 19.52 -32.22 -12.28
CA SER A 143 18.18 -32.21 -11.68
C SER A 143 17.28 -31.04 -12.18
N ASP A 144 17.83 -29.84 -12.45
CA ASP A 144 17.02 -28.72 -12.95
C ASP A 144 16.58 -28.99 -14.37
N ARG A 145 17.47 -29.63 -15.18
CA ARG A 145 17.21 -30.07 -16.55
C ARG A 145 15.95 -30.95 -16.58
N GLN A 146 15.86 -31.92 -15.62
CA GLN A 146 14.72 -32.81 -15.37
C GLN A 146 13.47 -32.00 -15.03
N TRP A 147 13.61 -31.01 -14.14
CA TRP A 147 12.51 -30.13 -13.71
C TRP A 147 12.02 -29.23 -14.84
N VAL A 148 12.94 -28.68 -15.67
CA VAL A 148 12.60 -27.82 -16.83
C VAL A 148 11.76 -28.62 -17.84
N GLN A 149 12.14 -29.89 -18.13
CA GLN A 149 11.44 -30.82 -19.02
C GLN A 149 9.98 -31.04 -18.57
N ARG A 150 9.79 -31.33 -17.27
CA ARG A 150 8.50 -31.56 -16.62
C ARG A 150 7.55 -30.35 -16.73
N PHE A 151 8.01 -29.12 -16.42
CA PHE A 151 7.15 -27.94 -16.48
C PHE A 151 6.76 -27.59 -17.91
N LEU A 152 7.62 -27.94 -18.86
CA LEU A 152 7.44 -27.72 -20.30
C LEU A 152 6.44 -28.65 -20.94
N THR A 153 6.47 -29.97 -20.58
CA THR A 153 5.64 -31.00 -21.23
C THR A 153 4.51 -31.54 -20.35
N GLU A 154 4.79 -31.89 -19.09
CA GLU A 154 3.84 -32.52 -18.16
C GLU A 154 2.81 -31.55 -17.57
N PRO A 155 1.60 -32.04 -17.13
CA PRO A 155 0.61 -31.11 -16.53
C PRO A 155 1.14 -30.46 -15.25
N LEU A 156 0.81 -29.16 -15.00
CA LEU A 156 1.33 -28.43 -13.84
C LEU A 156 0.83 -28.96 -12.50
N THR A 157 -0.46 -29.39 -12.43
CA THR A 157 -1.11 -30.02 -11.27
C THR A 157 -0.28 -31.26 -10.81
N ALA A 158 0.21 -32.05 -11.79
CA ALA A 158 1.04 -33.23 -11.59
C ALA A 158 2.51 -32.87 -11.22
N VAL A 159 3.11 -31.81 -11.85
CA VAL A 159 4.52 -31.42 -11.57
C VAL A 159 4.64 -30.71 -10.22
N PHE A 160 3.68 -29.83 -9.89
CA PHE A 160 3.69 -29.14 -8.58
C PHE A 160 3.37 -30.12 -7.45
N ALA A 161 2.77 -31.29 -7.77
CA ALA A 161 2.49 -32.33 -6.77
C ALA A 161 3.79 -32.97 -6.31
N ASP A 162 4.78 -33.11 -7.20
CA ASP A 162 6.10 -33.65 -6.91
C ASP A 162 7.10 -32.56 -6.46
N TRP A 163 6.90 -31.30 -6.91
CA TRP A 163 7.71 -30.14 -6.57
C TRP A 163 7.61 -29.83 -5.09
N TYR A 164 6.42 -30.03 -4.51
CA TYR A 164 6.21 -29.75 -3.10
C TYR A 164 6.42 -30.98 -2.23
N GLN A 165 7.11 -31.99 -2.79
CA GLN A 165 7.45 -33.21 -2.06
C GLN A 165 8.99 -33.32 -1.97
N GLN A 166 9.69 -32.27 -2.42
CA GLN A 166 11.16 -32.17 -2.34
C GLN A 166 11.54 -31.93 -0.87
N PRO A 167 12.77 -32.31 -0.42
CA PRO A 167 13.13 -32.13 1.00
C PRO A 167 12.94 -30.72 1.57
N VAL A 168 13.01 -29.59 0.78
CA VAL A 168 12.77 -28.23 1.36
C VAL A 168 11.34 -28.03 1.85
N PHE A 169 10.40 -28.88 1.37
CA PHE A 169 8.99 -28.78 1.68
C PHE A 169 8.51 -29.89 2.63
N ALA A 170 9.44 -30.70 3.19
CA ALA A 170 9.18 -31.80 4.13
C ALA A 170 8.29 -31.40 5.31
N SER A 171 8.52 -30.19 5.87
CA SER A 171 7.77 -29.65 7.01
C SER A 171 6.31 -29.26 6.67
N LEU A 172 5.87 -29.38 5.41
CA LEU A 172 4.50 -29.02 5.08
C LEU A 172 3.57 -30.19 5.36
N ASN A 173 2.30 -29.88 5.70
CA ASN A 173 1.29 -30.92 5.89
C ASN A 173 0.66 -31.17 4.49
N ASP A 174 -0.08 -32.28 4.30
CA ASP A 174 -0.66 -32.58 2.98
C ASP A 174 -1.73 -31.56 2.56
N ASP A 175 -2.42 -30.88 3.52
CA ASP A 175 -3.42 -29.84 3.23
C ASP A 175 -2.78 -28.57 2.66
N GLN A 176 -1.55 -28.22 3.14
CA GLN A 176 -0.79 -27.08 2.67
C GLN A 176 -0.32 -27.31 1.23
N ARG A 177 0.18 -28.51 0.94
CA ARG A 177 0.66 -28.94 -0.37
C ARG A 177 -0.43 -28.85 -1.44
N ARG A 178 -1.63 -29.41 -1.15
CA ARG A 178 -2.81 -29.43 -2.02
C ARG A 178 -3.25 -28.02 -2.35
N GLU A 179 -3.12 -27.10 -1.41
CA GLU A 179 -3.48 -25.70 -1.54
C GLU A 179 -2.41 -24.98 -2.36
N LEU A 180 -1.09 -25.32 -2.17
CA LEU A 180 0.04 -24.75 -2.93
C LEU A 180 0.01 -25.21 -4.35
N VAL A 181 -0.27 -26.50 -4.61
CA VAL A 181 -0.38 -27.12 -5.94
C VAL A 181 -1.48 -26.40 -6.75
N ALA A 182 -2.60 -26.04 -6.10
CA ALA A 182 -3.74 -25.36 -6.72
C ALA A 182 -3.38 -23.91 -7.14
N LEU A 183 -2.65 -23.21 -6.25
CA LEU A 183 -2.21 -21.83 -6.43
C LEU A 183 -1.14 -21.70 -7.53
N ARG A 184 -0.18 -22.64 -7.56
CA ARG A 184 0.95 -22.63 -8.51
C ARG A 184 0.60 -23.15 -9.90
N SER A 185 -0.42 -24.02 -10.03
CA SER A 185 -0.85 -24.57 -11.33
C SER A 185 -1.42 -23.46 -12.22
N ASN A 186 -1.65 -22.28 -11.62
CA ASN A 186 -2.07 -21.09 -12.34
C ASN A 186 -0.79 -20.38 -12.79
N ASN A 187 -0.25 -20.91 -13.91
CA ASN A 187 1.02 -20.53 -14.53
C ASN A 187 1.15 -21.03 -15.97
N ASN A 188 2.19 -20.54 -16.62
CA ASN A 188 2.62 -20.94 -17.93
C ASN A 188 3.84 -21.75 -17.63
N GLY A 189 3.73 -23.07 -17.74
CA GLY A 189 4.82 -23.99 -17.45
C GLY A 189 6.05 -23.83 -18.33
N ALA A 190 5.88 -23.29 -19.57
CA ALA A 190 6.95 -23.08 -20.55
C ALA A 190 7.78 -21.85 -20.25
N THR A 191 7.16 -20.86 -19.59
CA THR A 191 7.87 -19.62 -19.26
C THR A 191 8.52 -19.81 -17.92
N LEU A 192 7.91 -20.68 -17.11
CA LEU A 192 8.42 -21.12 -15.82
C LEU A 192 9.69 -21.92 -16.06
N ALA A 193 9.63 -22.88 -17.00
CA ALA A 193 10.75 -23.74 -17.42
C ALA A 193 11.95 -22.92 -17.94
N ALA A 194 11.66 -21.85 -18.69
CA ALA A 194 12.65 -20.92 -19.27
C ALA A 194 13.35 -20.13 -18.16
N MET A 195 12.57 -19.72 -17.12
CA MET A 195 13.04 -18.97 -15.98
C MET A 195 13.84 -19.88 -15.06
N LEU A 196 13.37 -21.12 -14.87
CA LEU A 196 14.05 -22.12 -14.04
C LEU A 196 15.45 -22.38 -14.61
N GLU A 197 15.53 -22.50 -15.94
CA GLU A 197 16.74 -22.78 -16.72
C GLU A 197 17.67 -21.56 -16.74
N ALA A 198 17.11 -20.40 -17.04
CA ALA A 198 17.85 -19.15 -17.10
C ALA A 198 18.54 -18.80 -15.78
N THR A 199 17.81 -18.85 -14.64
CA THR A 199 18.35 -18.43 -13.34
C THR A 199 18.62 -19.60 -12.37
N SER A 200 18.89 -20.77 -12.90
CA SER A 200 19.24 -21.96 -12.12
C SER A 200 20.40 -21.68 -11.14
N LEU A 201 20.36 -22.34 -9.96
CA LEU A 201 21.41 -22.26 -8.94
C LEU A 201 22.77 -22.80 -9.50
N ALA A 202 22.76 -23.69 -10.52
CA ALA A 202 23.97 -24.26 -11.16
C ALA A 202 24.82 -23.20 -11.86
N VAL A 203 24.16 -22.09 -12.29
CA VAL A 203 24.62 -20.97 -13.09
C VAL A 203 25.05 -19.77 -12.21
N GLN A 204 24.50 -19.66 -10.99
CA GLN A 204 24.80 -18.56 -10.08
C GLN A 204 26.20 -18.70 -9.43
N PRO A 205 27.02 -17.63 -9.37
CA PRO A 205 28.29 -17.73 -8.63
C PRO A 205 28.08 -17.78 -7.12
N ASP A 206 29.10 -18.24 -6.39
CA ASP A 206 29.14 -18.33 -4.92
C ASP A 206 29.27 -16.90 -4.36
N LEU A 207 28.17 -16.33 -3.83
CA LEU A 207 28.17 -14.92 -3.37
C LEU A 207 28.70 -14.72 -1.92
N ARG A 208 29.25 -15.75 -1.31
CA ARG A 208 29.74 -15.67 0.07
C ARG A 208 30.74 -14.53 0.28
N ALA A 209 31.77 -14.43 -0.58
CA ALA A 209 32.84 -13.42 -0.52
C ALA A 209 32.28 -12.01 -0.70
N ASN A 210 31.46 -11.80 -1.77
CA ASN A 210 30.75 -10.56 -2.14
C ASN A 210 29.83 -10.10 -1.04
N LEU A 211 29.12 -11.06 -0.36
CA LEU A 211 28.18 -10.73 0.72
C LEU A 211 28.96 -10.38 1.98
N SER A 212 30.13 -10.98 2.19
CA SER A 212 30.98 -10.64 3.32
C SER A 212 31.57 -9.24 3.10
N ALA A 213 32.01 -8.96 1.85
CA ALA A 213 32.62 -7.70 1.42
C ALA A 213 31.59 -6.62 1.05
N ARG A 214 30.31 -6.81 1.43
CA ARG A 214 29.20 -5.93 1.03
C ARG A 214 29.32 -4.48 1.47
N THR A 215 28.89 -3.58 0.59
CA THR A 215 28.88 -2.15 0.89
C THR A 215 27.44 -1.72 1.20
N PHE A 216 26.53 -2.70 1.30
CA PHE A 216 25.09 -2.55 1.53
C PHE A 216 24.61 -3.39 2.72
N ALA A 217 23.47 -3.03 3.31
CA ALA A 217 22.88 -3.77 4.44
C ALA A 217 22.25 -5.09 3.95
N PHE A 218 22.56 -6.21 4.58
CA PHE A 218 22.08 -7.53 4.20
C PHE A 218 21.59 -8.26 5.43
N TYR A 219 20.34 -8.78 5.36
CA TYR A 219 19.68 -9.47 6.47
C TYR A 219 19.09 -10.77 5.95
N TYR A 220 19.06 -11.80 6.80
CA TYR A 220 18.61 -13.10 6.36
C TYR A 220 17.44 -13.59 7.17
N LEU A 221 16.42 -14.12 6.48
CA LEU A 221 15.25 -14.67 7.15
C LEU A 221 15.19 -16.15 6.91
N CYS A 222 14.76 -16.89 7.94
CA CYS A 222 14.70 -18.32 7.80
C CYS A 222 13.63 -18.91 8.66
N GLY A 223 12.89 -19.86 8.08
CA GLY A 223 11.87 -20.61 8.82
C GLY A 223 12.50 -21.60 9.78
N GLU A 224 12.03 -21.61 11.05
CA GLU A 224 12.50 -22.50 12.13
C GLU A 224 12.68 -23.97 11.64
N ARG A 225 11.67 -24.51 10.95
CA ARG A 225 11.62 -25.88 10.45
C ARG A 225 12.43 -26.08 9.14
N ASP A 226 13.01 -25.00 8.56
CA ASP A 226 13.82 -25.06 7.34
C ASP A 226 15.30 -25.16 7.76
N SER A 227 15.72 -26.38 8.13
CA SER A 227 17.08 -26.70 8.63
C SER A 227 18.19 -26.51 7.57
N LYS A 228 17.87 -26.67 6.26
CA LYS A 228 18.88 -26.52 5.19
C LYS A 228 19.36 -25.06 5.08
N PHE A 229 18.40 -24.12 4.93
CA PHE A 229 18.71 -22.70 4.74
C PHE A 229 19.17 -22.04 6.02
N ARG A 230 18.89 -22.66 7.18
CA ARG A 230 19.38 -22.23 8.46
C ARG A 230 20.87 -22.48 8.49
N ALA A 231 21.29 -23.70 8.13
CA ALA A 231 22.68 -24.14 8.04
C ALA A 231 23.49 -23.26 7.06
N LEU A 232 22.88 -22.91 5.91
CA LEU A 232 23.49 -22.02 4.93
C LEU A 232 23.58 -20.59 5.46
N ALA A 233 22.58 -20.13 6.27
CA ALA A 233 22.60 -18.77 6.83
C ALA A 233 23.77 -18.58 7.81
N ALA A 234 24.06 -19.62 8.62
CA ALA A 234 25.12 -19.64 9.62
C ALA A 234 26.50 -19.53 8.97
N GLU A 235 26.65 -19.92 7.71
CA GLU A 235 27.94 -19.80 7.02
C GLU A 235 28.04 -18.44 6.26
N LEU A 236 27.07 -17.53 6.52
CA LEU A 236 27.05 -16.20 5.95
C LEU A 236 27.24 -15.16 7.04
N ALA A 237 27.90 -14.05 6.70
CA ALA A 237 28.11 -12.92 7.59
C ALA A 237 26.83 -12.08 7.58
N ALA A 238 25.78 -12.56 8.27
CA ALA A 238 24.49 -11.88 8.36
C ALA A 238 23.68 -12.37 9.56
N ASP A 239 22.88 -11.46 10.14
CA ASP A 239 22.01 -11.77 11.26
C ASP A 239 20.82 -12.59 10.76
N CYS A 240 20.81 -13.91 11.05
CA CYS A 240 19.70 -14.76 10.66
C CYS A 240 18.59 -14.66 11.68
N HIS A 241 17.42 -14.24 11.21
CA HIS A 241 16.18 -14.10 11.95
C HIS A 241 15.37 -15.38 11.74
N VAL A 242 15.35 -16.24 12.77
CA VAL A 242 14.63 -17.51 12.71
C VAL A 242 13.15 -17.21 12.98
N ILE A 243 12.27 -17.68 12.06
CA ILE A 243 10.81 -17.46 12.10
C ILE A 243 10.19 -18.67 12.76
N PRO A 244 9.52 -18.49 13.93
CA PRO A 244 8.92 -19.67 14.61
C PRO A 244 7.82 -20.37 13.83
N ARG A 245 7.73 -21.72 13.99
CA ARG A 245 6.68 -22.58 13.44
C ARG A 245 6.51 -22.34 11.93
N ALA A 246 7.60 -22.51 11.14
CA ALA A 246 7.52 -22.22 9.72
C ALA A 246 8.63 -22.94 8.93
N GLY A 247 8.26 -23.40 7.76
CA GLY A 247 9.17 -24.07 6.83
C GLY A 247 9.81 -23.04 5.92
N HIS A 248 10.23 -23.48 4.73
CA HIS A 248 10.92 -22.69 3.71
C HIS A 248 10.20 -21.35 3.39
N ASN A 249 8.89 -21.41 3.06
CA ASN A 249 8.13 -20.19 2.81
C ASN A 249 7.59 -19.75 4.15
N ALA A 250 8.40 -19.02 4.94
CA ALA A 250 7.99 -18.60 6.30
C ALA A 250 6.91 -17.52 6.30
N HIS A 251 6.99 -16.53 5.40
CA HIS A 251 6.03 -15.41 5.31
C HIS A 251 4.60 -15.90 5.06
N ARG A 252 4.46 -17.04 4.35
CA ARG A 252 3.18 -17.67 4.06
C ARG A 252 2.60 -18.32 5.30
N GLU A 253 3.43 -19.13 5.98
CA GLU A 253 3.04 -19.86 7.18
C GLU A 253 2.88 -18.97 8.38
N ASN A 254 3.75 -17.96 8.53
CA ASN A 254 3.73 -17.04 9.66
C ASN A 254 3.85 -15.56 9.19
N PRO A 255 2.79 -14.99 8.55
CA PRO A 255 2.89 -13.59 8.09
C PRO A 255 3.29 -12.62 9.20
N ALA A 256 2.56 -12.60 10.35
CA ALA A 256 2.81 -11.75 11.51
C ALA A 256 4.22 -11.94 12.09
N GLY A 257 4.74 -13.18 12.01
CA GLY A 257 6.08 -13.54 12.46
C GLY A 257 7.17 -12.94 11.59
N VAL A 258 6.93 -12.92 10.27
CA VAL A 258 7.81 -12.30 9.26
C VAL A 258 7.62 -10.75 9.30
N ILE A 259 6.40 -10.25 9.62
CA ILE A 259 6.16 -8.79 9.74
C ILE A 259 6.97 -8.20 10.93
N ALA A 260 6.97 -8.92 12.07
CA ALA A 260 7.71 -8.52 13.28
C ALA A 260 9.21 -8.48 12.98
N SER A 261 9.73 -9.52 12.27
CA SER A 261 11.15 -9.65 11.89
C SER A 261 11.59 -8.53 10.97
N LEU A 262 10.77 -8.14 9.97
CA LEU A 262 11.12 -7.05 9.06
C LEU A 262 11.10 -5.73 9.82
N ALA A 263 10.07 -5.49 10.68
CA ALA A 263 9.95 -4.26 11.49
C ALA A 263 11.18 -4.07 12.41
N GLN A 264 11.69 -5.20 12.96
CA GLN A 264 12.91 -5.29 13.74
C GLN A 264 14.13 -4.84 12.89
N ILE A 265 14.15 -5.19 11.59
CA ILE A 265 15.26 -4.84 10.69
C ILE A 265 15.15 -3.36 10.28
N LEU A 266 14.00 -2.99 9.66
CA LEU A 266 13.70 -1.68 9.07
C LEU A 266 13.49 -0.51 10.09
N ARG A 267 12.88 -0.75 11.24
CA ARG A 267 12.55 0.37 12.12
C ARG A 267 13.61 0.65 13.21
N PHE A 268 14.71 -0.13 13.21
CA PHE A 268 15.84 0.02 14.15
C PHE A 268 17.17 0.31 13.41
N VAL B 12 -12.75 30.10 -34.45
CA VAL B 12 -13.75 29.92 -33.39
C VAL B 12 -13.97 31.30 -32.71
N PRO B 13 -15.24 31.78 -32.54
CA PRO B 13 -15.45 33.14 -31.99
C PRO B 13 -14.83 33.41 -30.61
N ARG B 14 -14.53 34.70 -30.33
CA ARG B 14 -13.95 35.20 -29.09
C ARG B 14 -14.86 34.91 -27.87
N GLY B 15 -16.17 34.95 -28.09
CA GLY B 15 -17.20 34.69 -27.08
C GLY B 15 -17.81 33.30 -27.16
N SER B 16 -17.05 32.31 -27.68
CA SER B 16 -17.54 30.93 -27.79
C SER B 16 -17.49 30.25 -26.41
N MET B 17 -18.57 29.53 -26.06
CA MET B 17 -18.70 28.86 -24.77
C MET B 17 -18.02 27.48 -24.75
N ILE B 18 -17.72 26.89 -25.93
CA ILE B 18 -17.05 25.59 -25.98
C ILE B 18 -15.72 25.77 -26.71
N LEU B 19 -14.66 25.09 -26.22
CA LEU B 19 -13.31 25.20 -26.78
C LEU B 19 -13.20 24.46 -28.11
N HIS B 20 -12.27 24.90 -28.98
CA HIS B 20 -12.04 24.18 -30.24
C HIS B 20 -11.38 22.84 -29.91
N ALA B 21 -11.80 21.77 -30.60
CA ALA B 21 -11.28 20.43 -30.39
C ALA B 21 -11.46 19.57 -31.63
N GLN B 22 -10.62 18.53 -31.77
CA GLN B 22 -10.70 17.58 -32.87
C GLN B 22 -11.06 16.24 -32.27
N ALA B 23 -12.18 15.68 -32.74
CA ALA B 23 -12.72 14.41 -32.24
C ALA B 23 -12.50 13.26 -33.24
N LYS B 24 -12.22 12.07 -32.69
CA LYS B 24 -12.01 10.80 -33.39
C LYS B 24 -12.69 9.74 -32.57
N HIS B 25 -13.79 9.14 -33.06
CA HIS B 25 -14.51 8.10 -32.33
C HIS B 25 -13.75 6.75 -32.35
N GLY B 26 -13.97 5.94 -31.30
CA GLY B 26 -13.35 4.63 -31.12
C GLY B 26 -14.40 3.55 -30.98
N LYS B 27 -14.13 2.53 -30.15
CA LYS B 27 -15.09 1.44 -29.96
C LYS B 27 -16.26 1.87 -29.03
N PRO B 28 -17.51 1.35 -29.27
CA PRO B 28 -18.66 1.79 -28.47
C PRO B 28 -18.53 1.69 -26.94
N GLY B 29 -17.98 0.60 -26.42
CA GLY B 29 -17.88 0.43 -24.98
C GLY B 29 -16.78 1.18 -24.24
N LEU B 30 -15.83 1.77 -24.98
CA LEU B 30 -14.66 2.41 -24.38
C LEU B 30 -14.85 3.91 -24.05
N PRO B 31 -14.20 4.43 -22.97
CA PRO B 31 -14.32 5.86 -22.64
C PRO B 31 -13.53 6.74 -23.61
N TRP B 32 -13.67 8.05 -23.41
CA TRP B 32 -12.97 9.06 -24.19
C TRP B 32 -11.61 9.38 -23.58
N LEU B 33 -10.63 9.65 -24.44
CA LEU B 33 -9.31 10.12 -24.04
C LEU B 33 -9.29 11.60 -24.41
N VAL B 34 -9.37 12.48 -23.39
CA VAL B 34 -9.46 13.93 -23.60
C VAL B 34 -8.05 14.51 -23.34
N PHE B 35 -7.36 14.88 -24.44
CA PHE B 35 -5.99 15.35 -24.44
C PHE B 35 -5.86 16.88 -24.40
N LEU B 36 -5.08 17.35 -23.42
CA LEU B 36 -4.78 18.76 -23.17
C LEU B 36 -3.28 18.97 -23.30
N HIS B 37 -2.90 19.94 -24.15
CA HIS B 37 -1.49 20.28 -24.46
C HIS B 37 -0.93 21.24 -23.39
N GLY B 38 0.33 21.64 -23.58
CA GLY B 38 1.00 22.56 -22.69
C GLY B 38 1.06 23.94 -23.29
N PHE B 39 1.75 24.90 -22.58
CA PHE B 39 1.90 26.28 -23.04
C PHE B 39 2.62 26.31 -24.39
N SER B 40 2.02 27.04 -25.37
CA SER B 40 2.42 27.27 -26.77
C SER B 40 2.05 26.11 -27.74
N GLY B 41 1.47 25.04 -27.21
CA GLY B 41 1.06 23.89 -28.01
C GLY B 41 -0.33 24.03 -28.59
N ASP B 42 -0.81 22.98 -29.24
CA ASP B 42 -2.15 22.93 -29.83
C ASP B 42 -2.62 21.46 -29.89
N CYS B 43 -3.85 21.20 -30.32
CA CYS B 43 -4.53 19.89 -30.40
C CYS B 43 -3.73 18.77 -31.12
N HIS B 44 -2.68 19.11 -31.87
CA HIS B 44 -1.83 18.14 -32.60
C HIS B 44 -0.78 17.50 -31.69
N GLU B 45 -0.42 18.19 -30.60
CA GLU B 45 0.58 17.79 -29.60
C GLU B 45 0.49 16.29 -29.20
N TRP B 46 -0.69 15.84 -28.78
CA TRP B 46 -0.90 14.48 -28.30
C TRP B 46 -1.40 13.52 -29.38
N GLN B 47 -1.46 13.96 -30.64
CA GLN B 47 -2.01 13.14 -31.74
C GLN B 47 -1.15 11.95 -32.15
N GLU B 48 0.19 12.05 -32.12
CA GLU B 48 1.03 10.92 -32.51
C GLU B 48 0.89 9.75 -31.51
N VAL B 49 0.73 10.08 -30.22
CA VAL B 49 0.57 9.12 -29.13
C VAL B 49 -0.90 8.63 -29.08
N GLY B 50 -1.86 9.56 -29.12
CA GLY B 50 -3.29 9.29 -29.09
C GLY B 50 -3.80 8.37 -30.20
N GLU B 51 -3.27 8.53 -31.42
CA GLU B 51 -3.66 7.73 -32.58
C GLU B 51 -3.17 6.27 -32.52
N ALA B 52 -2.52 5.86 -31.41
CA ALA B 52 -2.11 4.48 -31.15
C ALA B 52 -3.16 3.81 -30.25
N PHE B 53 -4.21 4.57 -29.88
CA PHE B 53 -5.33 4.16 -29.02
C PHE B 53 -6.66 4.32 -29.78
N ALA B 54 -6.66 3.88 -31.07
CA ALA B 54 -7.77 3.91 -32.04
C ALA B 54 -9.09 3.27 -31.53
N ASP B 55 -9.00 2.41 -30.48
CA ASP B 55 -10.11 1.70 -29.83
C ASP B 55 -10.88 2.64 -28.96
N TYR B 56 -10.20 3.66 -28.47
CA TYR B 56 -10.79 4.69 -27.64
C TYR B 56 -11.23 5.84 -28.49
N SER B 57 -12.22 6.62 -28.02
CA SER B 57 -12.61 7.86 -28.69
C SER B 57 -11.59 8.90 -28.19
N ARG B 58 -11.07 9.74 -29.08
CA ARG B 58 -10.06 10.73 -28.68
C ARG B 58 -10.54 12.16 -28.91
N LEU B 59 -10.28 13.04 -27.92
CA LEU B 59 -10.65 14.45 -28.03
C LEU B 59 -9.41 15.33 -27.81
N TYR B 60 -8.92 15.93 -28.91
CA TYR B 60 -7.77 16.81 -28.95
C TYR B 60 -8.26 18.24 -28.82
N VAL B 61 -8.26 18.74 -27.57
CA VAL B 61 -8.72 20.07 -27.17
C VAL B 61 -7.64 21.16 -27.37
N ASP B 62 -8.07 22.32 -27.89
CA ASP B 62 -7.29 23.55 -27.98
C ASP B 62 -7.71 24.39 -26.79
N LEU B 63 -6.72 24.74 -25.92
CA LEU B 63 -6.92 25.51 -24.71
C LEU B 63 -7.03 26.99 -25.02
N PRO B 64 -7.60 27.84 -24.12
CA PRO B 64 -7.69 29.28 -24.42
C PRO B 64 -6.33 29.89 -24.81
N GLY B 65 -6.35 30.80 -25.79
CA GLY B 65 -5.14 31.43 -26.33
C GLY B 65 -4.30 30.56 -27.24
N HIS B 66 -4.70 29.29 -27.46
CA HIS B 66 -3.97 28.32 -28.26
C HIS B 66 -4.83 27.80 -29.38
N GLY B 67 -4.19 27.44 -30.49
CA GLY B 67 -4.82 26.86 -31.67
C GLY B 67 -6.12 27.53 -32.07
N GLY B 68 -7.16 26.74 -32.27
CA GLY B 68 -8.48 27.20 -32.66
C GLY B 68 -9.24 27.96 -31.59
N SER B 69 -8.77 27.88 -30.34
CA SER B 69 -9.35 28.57 -29.19
C SER B 69 -8.53 29.82 -28.88
N ALA B 70 -7.81 30.34 -29.88
CA ALA B 70 -6.89 31.48 -29.70
C ALA B 70 -7.63 32.80 -29.43
N ALA B 71 -8.89 32.94 -29.87
CA ALA B 71 -9.67 34.15 -29.62
C ALA B 71 -10.30 34.17 -28.22
N ILE B 72 -10.31 32.99 -27.54
CA ILE B 72 -10.88 32.78 -26.20
C ILE B 72 -9.90 33.31 -25.11
N SER B 73 -10.35 34.36 -24.40
CA SER B 73 -9.66 34.97 -23.26
C SER B 73 -10.38 34.53 -21.99
N VAL B 74 -9.59 34.10 -20.99
CA VAL B 74 -10.03 33.60 -19.69
C VAL B 74 -9.39 34.42 -18.58
N ASP B 75 -10.01 34.40 -17.38
CA ASP B 75 -9.50 35.13 -16.23
C ASP B 75 -8.63 34.22 -15.39
N GLY B 76 -9.07 32.98 -15.24
CA GLY B 76 -8.39 31.98 -14.45
C GLY B 76 -8.82 30.57 -14.77
N PHE B 77 -8.44 29.63 -13.88
CA PHE B 77 -8.73 28.21 -14.02
C PHE B 77 -10.24 27.96 -13.99
N ASP B 78 -10.99 28.78 -13.24
CA ASP B 78 -12.45 28.76 -13.11
C ASP B 78 -13.13 28.84 -14.48
N ASP B 79 -12.66 29.77 -15.36
CA ASP B 79 -13.18 29.96 -16.72
C ASP B 79 -12.75 28.78 -17.59
N VAL B 80 -11.48 28.34 -17.48
CA VAL B 80 -10.90 27.21 -18.21
C VAL B 80 -11.73 25.95 -17.94
N THR B 81 -12.00 25.63 -16.63
CA THR B 81 -12.75 24.45 -16.17
C THR B 81 -14.16 24.49 -16.74
N ASP B 82 -14.87 25.64 -16.58
CA ASP B 82 -16.23 25.87 -17.09
C ASP B 82 -16.28 25.58 -18.59
N LEU B 83 -15.35 26.19 -19.38
CA LEU B 83 -15.25 25.98 -20.83
C LEU B 83 -15.00 24.52 -21.15
N LEU B 84 -13.99 23.87 -20.47
CA LEU B 84 -13.66 22.44 -20.66
C LEU B 84 -14.88 21.55 -20.38
N ARG B 85 -15.61 21.84 -19.30
CA ARG B 85 -16.82 21.12 -18.93
C ARG B 85 -17.89 21.20 -20.04
N LYS B 86 -18.15 22.42 -20.55
CA LYS B 86 -19.13 22.70 -21.61
C LYS B 86 -18.73 22.06 -22.93
N THR B 87 -17.42 21.94 -23.18
CA THR B 87 -16.85 21.32 -24.37
C THR B 87 -17.18 19.82 -24.36
N LEU B 88 -17.15 19.19 -23.19
CA LEU B 88 -17.42 17.77 -23.02
C LEU B 88 -18.90 17.47 -23.25
N VAL B 89 -19.78 18.37 -22.75
CA VAL B 89 -21.24 18.35 -22.92
C VAL B 89 -21.58 18.43 -24.42
N SER B 90 -20.77 19.23 -25.18
CA SER B 90 -20.92 19.42 -26.61
C SER B 90 -20.71 18.12 -27.40
N TYR B 91 -19.69 17.34 -27.01
CA TYR B 91 -19.39 16.06 -27.66
C TYR B 91 -20.14 14.89 -26.98
N ASN B 92 -21.09 15.20 -26.06
CA ASN B 92 -21.92 14.26 -25.28
C ASN B 92 -21.03 13.20 -24.57
N ILE B 93 -19.86 13.65 -24.04
CA ILE B 93 -18.86 12.79 -23.38
C ILE B 93 -19.33 12.53 -21.97
N LEU B 94 -19.52 11.26 -21.61
CA LEU B 94 -20.02 10.93 -20.28
C LEU B 94 -18.97 10.13 -19.50
N ASP B 95 -18.09 9.39 -20.18
CA ASP B 95 -17.02 8.63 -19.54
C ASP B 95 -15.70 9.00 -20.20
N PHE B 96 -14.81 9.63 -19.43
CA PHE B 96 -13.58 10.11 -20.01
C PHE B 96 -12.39 10.14 -19.09
N TRP B 97 -11.21 10.12 -19.71
CA TRP B 97 -9.92 10.29 -19.10
C TRP B 97 -9.38 11.68 -19.47
N LEU B 98 -8.83 12.40 -18.48
CA LEU B 98 -8.20 13.69 -18.75
C LEU B 98 -6.71 13.44 -18.84
N VAL B 99 -6.13 13.53 -20.05
CA VAL B 99 -4.70 13.30 -20.25
C VAL B 99 -4.07 14.68 -20.60
N GLY B 100 -3.39 15.28 -19.63
CA GLY B 100 -2.83 16.62 -19.77
C GLY B 100 -1.35 16.76 -19.63
N PHE B 101 -0.72 17.50 -20.57
CA PHE B 101 0.72 17.73 -20.53
C PHE B 101 1.06 19.11 -20.00
N SER B 102 1.95 19.16 -18.98
CA SER B 102 2.51 20.36 -18.33
C SER B 102 1.37 21.36 -17.97
N LEU B 103 1.15 22.45 -18.74
CA LEU B 103 0.06 23.38 -18.45
C LEU B 103 -1.27 22.65 -18.53
N GLY B 104 -1.45 21.81 -19.55
CA GLY B 104 -2.65 20.99 -19.74
C GLY B 104 -2.83 20.03 -18.60
N GLY B 105 -1.72 19.65 -17.97
CA GLY B 105 -1.68 18.79 -16.78
C GLY B 105 -2.24 19.53 -15.59
N ARG B 106 -1.79 20.79 -15.38
CA ARG B 106 -2.29 21.68 -14.31
C ARG B 106 -3.78 21.99 -14.55
N VAL B 107 -4.22 22.28 -15.81
CA VAL B 107 -5.64 22.54 -16.08
C VAL B 107 -6.47 21.25 -15.80
N ALA B 108 -5.85 20.04 -15.94
CA ALA B 108 -6.52 18.75 -15.72
C ALA B 108 -6.73 18.47 -14.23
N MET B 109 -5.72 18.77 -13.39
CA MET B 109 -5.82 18.59 -11.95
C MET B 109 -6.75 19.66 -11.35
N MET B 110 -6.63 20.93 -11.79
CA MET B 110 -7.46 22.06 -11.32
C MET B 110 -8.95 21.82 -11.59
N ALA B 111 -9.27 21.29 -12.80
CA ALA B 111 -10.61 20.95 -13.26
C ALA B 111 -11.16 19.75 -12.52
N ALA B 112 -10.39 18.64 -12.44
CA ALA B 112 -10.79 17.40 -11.76
C ALA B 112 -11.07 17.65 -10.30
N CYS B 113 -10.23 18.47 -9.64
CA CYS B 113 -10.34 18.80 -8.22
C CYS B 113 -11.57 19.68 -7.90
N GLN B 114 -12.22 20.27 -8.91
CA GLN B 114 -13.40 21.11 -8.62
C GLN B 114 -14.68 20.53 -9.22
N GLY B 115 -14.62 19.23 -9.57
CA GLY B 115 -15.76 18.45 -10.01
C GLY B 115 -15.98 18.32 -11.49
N LEU B 116 -15.78 17.13 -12.02
CA LEU B 116 -15.99 16.85 -13.42
C LEU B 116 -16.81 15.60 -13.55
N ALA B 117 -18.17 15.76 -13.49
CA ALA B 117 -19.12 14.64 -13.57
C ALA B 117 -18.80 13.73 -14.76
N GLY B 118 -18.46 12.47 -14.47
CA GLY B 118 -18.11 11.47 -15.48
C GLY B 118 -16.65 11.16 -15.73
N LEU B 119 -15.73 11.72 -14.92
CA LEU B 119 -14.28 11.49 -14.99
C LEU B 119 -13.93 10.07 -14.50
N CYS B 120 -13.14 9.31 -15.29
CA CYS B 120 -12.66 7.96 -14.96
C CYS B 120 -11.28 8.04 -14.27
N GLY B 121 -10.50 9.03 -14.68
CA GLY B 121 -9.17 9.28 -14.13
C GLY B 121 -8.45 10.45 -14.77
N VAL B 122 -7.31 10.90 -14.13
CA VAL B 122 -6.51 11.97 -14.72
C VAL B 122 -5.06 11.48 -14.83
N ILE B 123 -4.54 11.60 -16.05
CA ILE B 123 -3.18 11.25 -16.39
C ILE B 123 -2.45 12.60 -16.62
N VAL B 124 -1.43 12.87 -15.77
CA VAL B 124 -0.68 14.12 -15.85
C VAL B 124 0.79 13.84 -16.21
N GLU B 125 1.30 14.55 -17.26
CA GLU B 125 2.67 14.48 -17.75
C GLU B 125 3.39 15.78 -17.43
N GLY B 126 4.35 15.72 -16.51
CA GLY B 126 5.16 16.85 -16.08
C GLY B 126 4.31 18.05 -15.69
N GLY B 127 3.25 17.80 -14.93
CA GLY B 127 2.34 18.82 -14.46
C GLY B 127 2.60 19.13 -13.01
N HIS B 128 2.87 20.40 -12.73
CA HIS B 128 3.16 20.87 -11.39
C HIS B 128 1.91 20.82 -10.50
N PRO B 129 1.96 20.09 -9.35
CA PRO B 129 0.79 20.04 -8.46
C PRO B 129 0.51 21.37 -7.73
N GLY B 130 1.49 22.26 -7.72
CA GLY B 130 1.39 23.57 -7.11
C GLY B 130 2.59 23.88 -6.24
N LEU B 131 2.88 25.19 -6.08
CA LEU B 131 3.99 25.65 -5.25
C LEU B 131 3.56 25.57 -3.78
N GLN B 132 4.54 25.29 -2.92
CA GLN B 132 4.37 25.04 -1.48
C GLN B 132 3.82 26.23 -0.66
N ASN B 133 4.03 27.52 -1.11
CA ASN B 133 3.56 28.69 -0.36
C ASN B 133 3.36 29.99 -1.20
N ALA B 134 2.92 31.09 -0.53
CA ALA B 134 2.66 32.40 -1.14
C ALA B 134 3.96 33.10 -1.55
N GLU B 135 5.05 32.86 -0.80
CA GLU B 135 6.36 33.42 -1.10
C GLU B 135 6.92 32.85 -2.40
N GLN B 136 6.68 31.55 -2.65
CA GLN B 136 7.06 30.85 -3.89
C GLN B 136 6.22 31.35 -5.07
N ARG B 137 4.92 31.58 -4.83
CA ARG B 137 3.98 32.07 -5.82
C ARG B 137 4.29 33.53 -6.19
N ALA B 138 4.59 34.39 -5.19
CA ALA B 138 4.94 35.79 -5.44
C ALA B 138 6.18 35.94 -6.36
N GLU B 139 7.20 35.09 -6.15
CA GLU B 139 8.42 35.07 -6.96
C GLU B 139 8.17 34.46 -8.36
N ARG B 140 7.13 33.59 -8.52
CA ARG B 140 6.74 33.00 -9.81
C ARG B 140 5.98 34.05 -10.63
N GLN B 141 5.16 34.88 -9.94
CA GLN B 141 4.39 35.99 -10.53
C GLN B 141 5.37 36.96 -11.18
N ARG B 142 6.44 37.30 -10.45
CA ARG B 142 7.54 38.17 -10.81
C ARG B 142 8.15 37.67 -12.09
N SER B 143 8.46 36.38 -12.12
CA SER B 143 9.06 35.68 -13.24
C SER B 143 8.12 35.63 -14.45
N ASP B 144 6.87 35.22 -14.26
CA ASP B 144 5.92 35.07 -15.37
C ASP B 144 5.54 36.42 -15.98
N ARG B 145 5.63 37.52 -15.19
CA ARG B 145 5.34 38.89 -15.64
C ARG B 145 6.42 39.35 -16.64
N GLN B 146 7.68 38.92 -16.42
CA GLN B 146 8.80 39.18 -17.32
C GLN B 146 8.55 38.44 -18.62
N TRP B 147 8.13 37.16 -18.52
CA TRP B 147 7.81 36.32 -19.68
C TRP B 147 6.67 36.93 -20.48
N VAL B 148 5.59 37.36 -19.79
CA VAL B 148 4.41 38.02 -20.37
C VAL B 148 4.84 39.23 -21.20
N GLN B 149 5.71 40.08 -20.62
CA GLN B 149 6.23 41.30 -21.26
C GLN B 149 6.99 41.01 -22.55
N ARG B 150 7.76 39.90 -22.59
CA ARG B 150 8.49 39.46 -23.78
C ARG B 150 7.48 39.02 -24.87
N PHE B 151 6.40 38.30 -24.48
CA PHE B 151 5.34 37.87 -25.41
C PHE B 151 4.48 39.05 -25.91
N LEU B 152 4.49 40.20 -25.21
CA LEU B 152 3.74 41.38 -25.64
C LEU B 152 4.59 42.36 -26.45
N THR B 153 5.90 42.08 -26.65
CA THR B 153 6.78 43.02 -27.32
C THR B 153 7.74 42.37 -28.36
N GLU B 154 8.15 41.10 -28.16
CA GLU B 154 9.13 40.51 -29.08
C GLU B 154 8.58 39.49 -30.07
N PRO B 155 9.24 39.24 -31.24
CA PRO B 155 8.74 38.17 -32.14
C PRO B 155 8.87 36.83 -31.42
N LEU B 156 7.82 36.02 -31.54
CA LEU B 156 7.69 34.72 -30.89
C LEU B 156 8.90 33.84 -31.08
N THR B 157 9.55 33.96 -32.25
CA THR B 157 10.74 33.23 -32.66
C THR B 157 11.88 33.54 -31.66
N ALA B 158 12.05 34.84 -31.31
CA ALA B 158 13.06 35.34 -30.37
C ALA B 158 12.72 35.00 -28.94
N VAL B 159 11.40 35.02 -28.58
CA VAL B 159 10.97 34.70 -27.23
C VAL B 159 11.17 33.21 -27.01
N PHE B 160 10.70 32.36 -27.97
CA PHE B 160 10.80 30.90 -27.82
C PHE B 160 12.24 30.39 -27.82
N ALA B 161 13.21 31.15 -28.36
CA ALA B 161 14.61 30.72 -28.30
C ALA B 161 15.07 30.66 -26.82
N ASP B 162 14.75 31.68 -26.05
CA ASP B 162 15.07 31.76 -24.63
C ASP B 162 14.13 30.90 -23.77
N TRP B 163 12.93 30.60 -24.28
CA TRP B 163 11.93 29.79 -23.61
C TRP B 163 12.44 28.36 -23.49
N TYR B 164 12.87 27.78 -24.62
CA TYR B 164 13.37 26.41 -24.71
C TYR B 164 14.84 26.28 -24.21
N GLN B 165 15.32 27.29 -23.47
CA GLN B 165 16.63 27.34 -22.85
C GLN B 165 16.48 27.34 -21.30
N GLN B 166 15.25 27.27 -20.79
CA GLN B 166 15.01 27.21 -19.34
C GLN B 166 15.53 25.86 -18.80
N PRO B 167 15.95 25.78 -17.51
CA PRO B 167 16.47 24.49 -16.97
C PRO B 167 15.56 23.27 -17.14
N VAL B 168 14.23 23.49 -17.30
CA VAL B 168 13.26 22.41 -17.55
C VAL B 168 13.49 21.75 -18.96
N PHE B 169 14.13 22.47 -19.90
CA PHE B 169 14.42 21.98 -21.27
C PHE B 169 15.93 21.74 -21.51
N ALA B 170 16.77 21.81 -20.45
CA ALA B 170 18.23 21.63 -20.53
C ALA B 170 18.67 20.37 -21.29
N SER B 171 17.93 19.27 -21.14
CA SER B 171 18.21 17.97 -21.75
C SER B 171 18.05 17.94 -23.29
N LEU B 172 17.42 18.95 -23.90
CA LEU B 172 17.28 18.99 -25.36
C LEU B 172 18.58 19.41 -26.03
N ASN B 173 18.76 19.05 -27.31
CA ASN B 173 19.90 19.52 -28.10
C ASN B 173 19.43 20.71 -28.93
N ASP B 174 20.34 21.39 -29.63
CA ASP B 174 20.00 22.57 -30.44
C ASP B 174 19.06 22.26 -31.61
N ASP B 175 19.10 21.02 -32.15
CA ASP B 175 18.25 20.64 -33.27
C ASP B 175 16.79 20.38 -32.83
N GLN B 176 16.59 19.82 -31.63
CA GLN B 176 15.23 19.63 -31.07
C GLN B 176 14.61 20.99 -30.74
N ARG B 177 15.41 21.92 -30.13
CA ARG B 177 15.05 23.31 -29.80
C ARG B 177 14.65 24.09 -31.03
N ARG B 178 15.49 24.11 -32.09
CA ARG B 178 15.20 24.81 -33.35
C ARG B 178 13.88 24.32 -33.95
N GLU B 179 13.66 23.01 -33.96
CA GLU B 179 12.42 22.37 -34.42
C GLU B 179 11.19 22.81 -33.56
N LEU B 180 11.42 22.98 -32.25
CA LEU B 180 10.39 23.37 -31.29
C LEU B 180 10.08 24.89 -31.38
N VAL B 181 11.12 25.74 -31.44
CA VAL B 181 11.06 27.20 -31.57
C VAL B 181 10.28 27.59 -32.83
N ALA B 182 10.50 26.88 -33.94
CA ALA B 182 9.82 27.11 -35.21
C ALA B 182 8.33 26.72 -35.12
N LEU B 183 8.05 25.62 -34.43
CA LEU B 183 6.70 25.09 -34.24
C LEU B 183 5.83 26.03 -33.36
N ARG B 184 6.38 26.54 -32.25
CA ARG B 184 5.63 27.35 -31.30
C ARG B 184 5.46 28.79 -31.77
N SER B 185 6.24 29.21 -32.77
CA SER B 185 6.19 30.53 -33.40
C SER B 185 4.84 30.71 -34.10
N ASN B 186 4.20 29.57 -34.50
CA ASN B 186 2.87 29.53 -35.10
C ASN B 186 1.83 29.74 -33.98
N ASN B 187 1.87 30.93 -33.39
CA ASN B 187 1.02 31.35 -32.28
C ASN B 187 0.87 32.88 -32.30
N ASN B 188 0.28 33.44 -31.26
CA ASN B 188 0.14 34.87 -31.11
C ASN B 188 0.53 35.20 -29.67
N GLY B 189 1.56 36.04 -29.52
CA GLY B 189 2.07 36.41 -28.21
C GLY B 189 1.10 37.12 -27.28
N ALA B 190 0.10 37.86 -27.83
CA ALA B 190 -0.88 38.57 -27.03
C ALA B 190 -1.84 37.62 -26.29
N THR B 191 -2.31 36.54 -26.97
CA THR B 191 -3.23 35.56 -26.39
C THR B 191 -2.45 34.63 -25.51
N LEU B 192 -1.22 34.27 -25.95
CA LEU B 192 -0.31 33.42 -25.17
C LEU B 192 -0.02 34.05 -23.81
N ALA B 193 0.30 35.37 -23.78
CA ALA B 193 0.62 36.15 -22.57
C ALA B 193 -0.57 36.28 -21.63
N ALA B 194 -1.81 36.33 -22.19
CA ALA B 194 -3.04 36.42 -21.41
C ALA B 194 -3.31 35.07 -20.76
N MET B 195 -3.12 33.95 -21.52
CA MET B 195 -3.35 32.59 -21.00
C MET B 195 -2.24 32.21 -20.02
N LEU B 196 -1.00 32.67 -20.27
CA LEU B 196 0.12 32.45 -19.37
C LEU B 196 -0.16 33.14 -18.03
N GLU B 197 -0.75 34.35 -18.04
CA GLU B 197 -1.08 35.12 -16.84
C GLU B 197 -2.34 34.60 -16.15
N ALA B 198 -3.37 34.22 -16.92
CA ALA B 198 -4.63 33.72 -16.38
C ALA B 198 -4.50 32.37 -15.69
N THR B 199 -3.59 31.47 -16.16
CA THR B 199 -3.39 30.12 -15.58
C THR B 199 -1.96 29.96 -15.04
N SER B 200 -1.30 31.08 -14.68
CA SER B 200 0.05 31.07 -14.11
C SER B 200 0.10 30.13 -12.92
N LEU B 201 1.28 29.52 -12.67
CA LEU B 201 1.46 28.64 -11.51
C LEU B 201 1.46 29.50 -10.25
N ALA B 202 1.72 30.81 -10.38
CA ALA B 202 1.67 31.80 -9.29
C ALA B 202 0.26 31.96 -8.72
N VAL B 203 -0.79 31.68 -9.53
CA VAL B 203 -2.18 31.83 -9.08
C VAL B 203 -2.80 30.49 -8.71
N GLN B 204 -2.06 29.39 -8.94
CA GLN B 204 -2.62 28.06 -8.67
C GLN B 204 -2.41 27.67 -7.19
N PRO B 205 -3.44 27.15 -6.47
CA PRO B 205 -3.20 26.64 -5.10
C PRO B 205 -2.38 25.33 -5.09
N ASP B 206 -1.84 24.95 -3.90
CA ASP B 206 -1.12 23.67 -3.72
C ASP B 206 -2.19 22.57 -3.71
N LEU B 207 -2.26 21.76 -4.78
CA LEU B 207 -3.31 20.74 -4.95
C LEU B 207 -3.02 19.38 -4.30
N ARG B 208 -1.89 19.23 -3.58
CA ARG B 208 -1.48 17.98 -2.89
C ARG B 208 -2.56 17.43 -1.96
N ALA B 209 -3.12 18.25 -1.03
CA ALA B 209 -4.15 17.82 -0.07
C ALA B 209 -5.44 17.34 -0.76
N ASN B 210 -5.77 17.91 -1.92
CA ASN B 210 -6.93 17.54 -2.76
C ASN B 210 -6.62 16.26 -3.53
N LEU B 211 -5.38 16.13 -4.05
CA LEU B 211 -4.96 14.94 -4.78
C LEU B 211 -4.83 13.77 -3.80
N SER B 212 -4.54 14.04 -2.53
CA SER B 212 -4.43 13.03 -1.47
C SER B 212 -5.82 12.52 -1.03
N ALA B 213 -6.87 13.38 -1.14
CA ALA B 213 -8.24 13.10 -0.76
C ALA B 213 -9.14 12.96 -2.00
N ARG B 214 -8.53 12.70 -3.17
CA ARG B 214 -9.18 12.58 -4.47
C ARG B 214 -10.17 11.44 -4.56
N THR B 215 -11.29 11.70 -5.26
CA THR B 215 -12.35 10.71 -5.52
C THR B 215 -12.08 9.98 -6.86
N PHE B 216 -11.15 10.53 -7.67
CA PHE B 216 -10.78 10.00 -8.99
C PHE B 216 -9.45 9.22 -8.93
N ALA B 217 -9.09 8.56 -10.05
CA ALA B 217 -7.84 7.82 -10.25
C ALA B 217 -6.83 8.78 -10.84
N PHE B 218 -5.60 8.81 -10.33
CA PHE B 218 -4.59 9.76 -10.77
C PHE B 218 -3.30 9.05 -11.13
N TYR B 219 -2.75 9.39 -12.30
CA TYR B 219 -1.53 8.76 -12.84
C TYR B 219 -0.55 9.80 -13.35
N TYR B 220 0.71 9.68 -12.95
CA TYR B 220 1.74 10.62 -13.36
C TYR B 220 2.71 10.01 -14.38
N LEU B 221 3.05 10.75 -15.45
CA LEU B 221 4.08 10.33 -16.45
C LEU B 221 5.22 11.32 -16.41
N CYS B 222 6.44 10.83 -16.48
CA CYS B 222 7.58 11.73 -16.42
C CYS B 222 8.70 11.28 -17.32
N GLY B 223 9.35 12.23 -17.98
CA GLY B 223 10.52 11.92 -18.78
C GLY B 223 11.67 11.66 -17.82
N GLU B 224 12.52 10.67 -18.13
CA GLU B 224 13.65 10.26 -17.30
C GLU B 224 14.64 11.38 -17.03
N ARG B 225 14.78 12.33 -17.99
CA ARG B 225 15.72 13.45 -17.88
C ARG B 225 15.08 14.63 -17.14
N ASP B 226 13.74 14.61 -16.97
CA ASP B 226 12.99 15.67 -16.28
C ASP B 226 13.12 15.51 -14.75
N SER B 227 14.30 15.85 -14.23
CA SER B 227 14.62 15.78 -12.82
C SER B 227 13.67 16.62 -11.96
N LYS B 228 13.28 17.82 -12.48
CA LYS B 228 12.39 18.78 -11.81
C LYS B 228 11.04 18.15 -11.47
N PHE B 229 10.32 17.62 -12.49
CA PHE B 229 9.01 17.03 -12.33
C PHE B 229 9.06 15.59 -11.77
N ARG B 230 10.20 14.84 -11.92
CA ARG B 230 10.39 13.52 -11.27
C ARG B 230 10.39 13.70 -9.74
N ALA B 231 11.06 14.77 -9.26
CA ALA B 231 11.12 15.12 -7.82
C ALA B 231 9.76 15.52 -7.28
N LEU B 232 8.95 16.23 -8.07
CA LEU B 232 7.60 16.67 -7.66
C LEU B 232 6.62 15.51 -7.60
N ALA B 233 6.83 14.50 -8.46
CA ALA B 233 6.01 13.29 -8.54
C ALA B 233 6.21 12.43 -7.30
N ALA B 234 7.46 12.35 -6.77
CA ALA B 234 7.85 11.53 -5.61
C ALA B 234 7.10 11.92 -4.33
N GLU B 235 6.60 13.17 -4.31
CA GLU B 235 5.80 13.78 -3.24
C GLU B 235 4.33 13.33 -3.34
N LEU B 236 3.92 12.76 -4.50
CA LEU B 236 2.53 12.38 -4.76
C LEU B 236 2.27 10.87 -4.60
N ALA B 237 1.12 10.55 -3.98
CA ALA B 237 0.62 9.19 -3.68
C ALA B 237 -0.08 8.59 -4.90
N ALA B 238 0.52 8.81 -6.04
CA ALA B 238 0.06 8.36 -7.34
C ALA B 238 1.17 7.64 -8.01
N ASP B 239 0.86 6.67 -8.86
CA ASP B 239 1.89 5.96 -9.62
C ASP B 239 2.56 6.91 -10.59
N CYS B 240 3.91 6.81 -10.70
CA CYS B 240 4.66 7.58 -11.69
C CYS B 240 5.27 6.62 -12.70
N HIS B 241 5.12 6.95 -13.99
CA HIS B 241 5.66 6.16 -15.09
C HIS B 241 6.78 6.98 -15.70
N VAL B 242 8.02 6.63 -15.35
CA VAL B 242 9.15 7.38 -15.86
C VAL B 242 9.49 6.80 -17.26
N ILE B 243 9.54 7.72 -18.26
CA ILE B 243 9.78 7.47 -19.69
C ILE B 243 11.30 7.54 -19.98
N PRO B 244 11.89 6.45 -20.49
CA PRO B 244 13.34 6.50 -20.77
C PRO B 244 13.70 7.38 -21.96
N ARG B 245 14.92 7.94 -21.92
CA ARG B 245 15.52 8.78 -22.97
C ARG B 245 14.62 9.95 -23.40
N ALA B 246 13.93 10.59 -22.44
CA ALA B 246 13.04 11.70 -22.71
C ALA B 246 13.12 12.77 -21.64
N GLY B 247 12.90 14.01 -22.04
CA GLY B 247 12.95 15.17 -21.18
C GLY B 247 11.56 15.50 -20.72
N HIS B 248 11.30 16.78 -20.42
CA HIS B 248 10.00 17.25 -19.94
C HIS B 248 8.87 16.86 -20.91
N ASN B 249 9.06 17.01 -22.23
CA ASN B 249 8.05 16.59 -23.22
C ASN B 249 8.38 15.16 -23.64
N ALA B 250 8.01 14.20 -22.78
CA ALA B 250 8.26 12.79 -23.01
C ALA B 250 7.46 12.20 -24.18
N HIS B 251 6.21 12.67 -24.41
CA HIS B 251 5.37 12.12 -25.47
C HIS B 251 5.91 12.48 -26.86
N ARG B 252 6.71 13.56 -26.95
CA ARG B 252 7.36 14.05 -28.15
C ARG B 252 8.69 13.31 -28.43
N GLU B 253 9.57 13.15 -27.41
CA GLU B 253 10.90 12.51 -27.53
C GLU B 253 10.81 10.97 -27.58
N ASN B 254 9.83 10.40 -26.84
CA ASN B 254 9.63 8.96 -26.77
C ASN B 254 8.15 8.61 -26.92
N PRO B 255 7.53 8.84 -28.13
CA PRO B 255 6.12 8.44 -28.32
C PRO B 255 5.87 6.99 -27.93
N ALA B 256 6.75 6.05 -28.34
CA ALA B 256 6.66 4.62 -28.03
C ALA B 256 6.68 4.35 -26.50
N GLY B 257 7.57 5.02 -25.77
CA GLY B 257 7.70 4.91 -24.33
C GLY B 257 6.42 5.31 -23.61
N VAL B 258 5.82 6.43 -24.05
CA VAL B 258 4.58 6.98 -23.51
C VAL B 258 3.37 6.07 -23.90
N ILE B 259 3.32 5.54 -25.14
CA ILE B 259 2.23 4.63 -25.54
C ILE B 259 2.20 3.40 -24.59
N ALA B 260 3.39 2.84 -24.27
CA ALA B 260 3.54 1.68 -23.39
C ALA B 260 3.06 1.95 -21.96
N SER B 261 3.22 3.22 -21.49
CA SER B 261 2.79 3.69 -20.17
C SER B 261 1.29 3.83 -20.11
N LEU B 262 0.66 4.32 -21.21
CA LEU B 262 -0.77 4.50 -21.28
C LEU B 262 -1.50 3.16 -21.33
N ALA B 263 -0.90 2.15 -21.98
CA ALA B 263 -1.43 0.79 -22.08
C ALA B 263 -1.45 0.16 -20.72
N GLN B 264 -0.36 0.33 -19.94
CA GLN B 264 -0.27 -0.15 -18.55
C GLN B 264 -1.48 0.38 -17.75
N ILE B 265 -1.75 1.69 -17.87
CA ILE B 265 -2.82 2.36 -17.16
C ILE B 265 -4.22 1.96 -17.67
N LEU B 266 -4.50 2.15 -18.96
CA LEU B 266 -5.84 1.95 -19.55
C LEU B 266 -6.25 0.49 -19.72
N ARG B 267 -5.52 -0.26 -20.57
CA ARG B 267 -5.78 -1.65 -20.95
C ARG B 267 -5.42 -2.60 -19.81
N LEU C 11 -1.22 -16.25 39.03
CA LEU C 11 -2.31 -15.42 39.53
C LEU C 11 -1.82 -14.44 40.61
N VAL C 12 -2.17 -13.15 40.45
CA VAL C 12 -1.81 -12.09 41.42
C VAL C 12 -2.87 -12.09 42.58
N PRO C 13 -2.53 -11.66 43.82
CA PRO C 13 -3.53 -11.71 44.91
C PRO C 13 -4.80 -10.89 44.63
N ARG C 14 -5.94 -11.40 45.13
CA ARG C 14 -7.31 -10.89 45.03
C ARG C 14 -7.41 -9.40 45.47
N GLY C 15 -6.47 -8.95 46.30
CA GLY C 15 -6.40 -7.58 46.78
C GLY C 15 -5.39 -6.70 46.06
N SER C 16 -5.11 -7.00 44.77
CA SER C 16 -4.16 -6.23 43.95
C SER C 16 -4.73 -4.90 43.49
N MET C 17 -3.89 -3.87 43.49
CA MET C 17 -4.26 -2.54 43.02
C MET C 17 -3.79 -2.36 41.56
N ILE C 18 -3.03 -3.35 41.04
CA ILE C 18 -2.55 -3.33 39.66
C ILE C 18 -3.00 -4.66 39.01
N LEU C 19 -3.26 -4.64 37.69
CA LEU C 19 -3.67 -5.83 36.94
C LEU C 19 -2.47 -6.60 36.49
N HIS C 20 -2.63 -7.91 36.29
CA HIS C 20 -1.53 -8.69 35.76
C HIS C 20 -1.35 -8.29 34.26
N ALA C 21 -0.10 -8.05 33.86
CA ALA C 21 0.25 -7.67 32.50
C ALA C 21 1.60 -8.24 32.08
N GLN C 22 1.83 -8.30 30.75
CA GLN C 22 3.10 -8.71 30.16
C GLN C 22 3.62 -7.52 29.37
N ALA C 23 4.82 -7.04 29.73
CA ALA C 23 5.45 -5.90 29.07
C ALA C 23 6.55 -6.31 28.11
N LYS C 24 6.65 -5.54 27.02
CA LYS C 24 7.66 -5.61 25.96
C LYS C 24 8.08 -4.16 25.67
N HIS C 25 9.39 -3.90 25.62
CA HIS C 25 9.86 -2.53 25.44
C HIS C 25 10.36 -2.30 24.05
N GLY C 26 9.95 -1.19 23.50
CA GLY C 26 10.34 -0.80 22.15
C GLY C 26 11.33 0.35 22.20
N LYS C 27 11.36 1.12 21.12
CA LYS C 27 12.21 2.28 20.90
C LYS C 27 11.93 3.36 21.95
N PRO C 28 12.97 4.00 22.54
CA PRO C 28 12.73 5.11 23.47
C PRO C 28 12.20 6.29 22.66
N GLY C 29 11.03 6.80 23.04
CA GLY C 29 10.44 7.91 22.30
C GLY C 29 9.14 7.60 21.58
N LEU C 30 8.78 6.32 21.48
CA LEU C 30 7.49 5.90 20.91
C LEU C 30 6.50 5.58 22.04
N PRO C 31 5.17 5.85 21.89
CA PRO C 31 4.24 5.52 22.98
C PRO C 31 4.06 4.01 23.19
N TRP C 32 3.44 3.68 24.33
CA TRP C 32 3.07 2.33 24.69
C TRP C 32 1.77 1.91 24.03
N LEU C 33 1.75 0.70 23.49
CA LEU C 33 0.52 0.15 22.96
C LEU C 33 -0.08 -0.71 24.07
N VAL C 34 -1.17 -0.24 24.70
CA VAL C 34 -1.86 -0.94 25.81
C VAL C 34 -3.04 -1.75 25.25
N PHE C 35 -2.84 -3.08 25.09
CA PHE C 35 -3.83 -4.01 24.51
C PHE C 35 -4.75 -4.62 25.55
N LEU C 36 -6.06 -4.62 25.24
CA LEU C 36 -7.12 -5.16 26.09
C LEU C 36 -7.94 -6.19 25.34
N HIS C 37 -7.80 -7.46 25.74
CA HIS C 37 -8.55 -8.61 25.20
C HIS C 37 -10.10 -8.46 25.44
N GLY C 38 -10.88 -9.37 24.85
CA GLY C 38 -12.32 -9.41 25.02
C GLY C 38 -12.71 -10.41 26.11
N PHE C 39 -14.03 -10.64 26.31
CA PHE C 39 -14.56 -11.58 27.30
C PHE C 39 -14.14 -12.98 26.95
N SER C 40 -13.43 -13.66 27.91
CA SER C 40 -12.88 -15.03 27.89
C SER C 40 -11.42 -15.07 27.44
N GLY C 41 -10.92 -13.94 26.94
CA GLY C 41 -9.54 -13.83 26.50
C GLY C 41 -8.54 -13.62 27.63
N ASP C 42 -7.28 -13.37 27.25
CA ASP C 42 -6.21 -13.04 28.19
C ASP C 42 -5.17 -12.15 27.49
N CYS C 43 -3.99 -11.91 28.13
CA CYS C 43 -2.95 -11.04 27.59
C CYS C 43 -2.33 -11.57 26.29
N HIS C 44 -2.59 -12.86 25.95
CA HIS C 44 -2.05 -13.48 24.75
C HIS C 44 -2.80 -13.12 23.47
N GLU C 45 -4.04 -12.61 23.63
CA GLU C 45 -4.96 -12.28 22.55
C GLU C 45 -4.31 -11.44 21.44
N TRP C 46 -3.77 -10.25 21.78
CA TRP C 46 -3.18 -9.29 20.86
C TRP C 46 -1.67 -9.41 20.58
N GLN C 47 -0.96 -10.42 21.13
CA GLN C 47 0.50 -10.56 20.99
C GLN C 47 0.95 -10.88 19.56
N GLU C 48 0.16 -11.68 18.80
CA GLU C 48 0.48 -12.02 17.40
C GLU C 48 0.58 -10.73 16.58
N VAL C 49 -0.38 -9.77 16.73
CA VAL C 49 -0.34 -8.51 16.01
C VAL C 49 0.63 -7.51 16.71
N GLY C 50 0.51 -7.35 18.02
CA GLY C 50 1.31 -6.43 18.82
C GLY C 50 2.81 -6.50 18.67
N GLU C 51 3.36 -7.72 18.59
CA GLU C 51 4.79 -8.01 18.43
C GLU C 51 5.34 -7.51 17.09
N ALA C 52 4.44 -7.26 16.11
CA ALA C 52 4.76 -6.70 14.77
C ALA C 52 5.09 -5.19 14.90
N PHE C 53 4.79 -4.61 16.09
CA PHE C 53 5.07 -3.22 16.44
C PHE C 53 6.27 -3.16 17.42
N ALA C 54 7.39 -3.79 17.01
CA ALA C 54 8.67 -3.97 17.73
C ALA C 54 9.34 -2.66 18.18
N ASP C 55 9.07 -1.54 17.48
CA ASP C 55 9.58 -0.21 17.81
C ASP C 55 8.68 0.46 18.84
N TYR C 56 7.44 -0.06 19.01
CA TYR C 56 6.56 0.46 20.06
C TYR C 56 6.72 -0.42 21.29
N SER C 57 6.42 0.14 22.46
CA SER C 57 6.42 -0.61 23.72
C SER C 57 5.05 -1.25 23.86
N ARG C 58 5.01 -2.54 24.22
CA ARG C 58 3.70 -3.16 24.31
C ARG C 58 3.37 -3.59 25.73
N LEU C 59 2.10 -3.40 26.11
CA LEU C 59 1.54 -3.88 27.38
C LEU C 59 0.32 -4.73 27.06
N TYR C 60 0.39 -6.00 27.47
CA TYR C 60 -0.64 -7.01 27.29
C TYR C 60 -1.26 -7.25 28.62
N VAL C 61 -2.40 -6.59 28.84
CA VAL C 61 -3.09 -6.57 30.12
C VAL C 61 -4.11 -7.72 30.24
N ASP C 62 -4.21 -8.25 31.47
CA ASP C 62 -5.19 -9.25 31.88
C ASP C 62 -6.23 -8.49 32.63
N LEU C 63 -7.44 -8.37 32.05
CA LEU C 63 -8.59 -7.68 32.68
C LEU C 63 -9.09 -8.46 33.90
N PRO C 64 -9.79 -7.83 34.89
CA PRO C 64 -10.32 -8.61 36.04
C PRO C 64 -11.11 -9.86 35.62
N GLY C 65 -10.92 -10.96 36.38
CA GLY C 65 -11.55 -12.26 36.12
C GLY C 65 -10.93 -13.05 34.97
N HIS C 66 -9.82 -12.54 34.41
CA HIS C 66 -9.15 -13.13 33.26
C HIS C 66 -7.64 -13.26 33.51
N GLY C 67 -7.02 -14.26 32.87
CA GLY C 67 -5.60 -14.59 33.03
C GLY C 67 -5.13 -14.52 34.48
N GLY C 68 -4.04 -13.79 34.69
CA GLY C 68 -3.43 -13.60 36.00
C GLY C 68 -4.18 -12.70 36.95
N SER C 69 -5.14 -11.93 36.41
CA SER C 69 -6.02 -11.01 37.14
C SER C 69 -7.35 -11.70 37.53
N ALA C 70 -7.43 -13.04 37.38
CA ALA C 70 -8.63 -13.82 37.66
C ALA C 70 -9.17 -13.70 39.09
N ALA C 71 -8.29 -13.49 40.10
CA ALA C 71 -8.72 -13.35 41.50
C ALA C 71 -9.18 -11.91 41.80
N ILE C 72 -8.90 -10.95 40.90
CA ILE C 72 -9.32 -9.57 41.06
C ILE C 72 -10.77 -9.47 40.64
N SER C 73 -11.65 -9.07 41.57
CA SER C 73 -13.08 -8.92 41.30
C SER C 73 -13.42 -7.46 41.29
N VAL C 74 -14.38 -7.06 40.47
CA VAL C 74 -14.84 -5.68 40.36
C VAL C 74 -16.35 -5.65 40.49
N ASP C 75 -16.92 -4.46 40.74
CA ASP C 75 -18.37 -4.33 40.85
C ASP C 75 -18.93 -3.48 39.68
N GLY C 76 -18.01 -2.96 38.86
CA GLY C 76 -18.31 -2.16 37.67
C GLY C 76 -17.10 -1.67 36.89
N PHE C 77 -17.35 -0.78 35.93
CA PHE C 77 -16.38 -0.21 35.02
C PHE C 77 -15.34 0.70 35.71
N ASP C 78 -15.80 1.52 36.67
CA ASP C 78 -14.95 2.48 37.39
C ASP C 78 -13.87 1.73 38.16
N ASP C 79 -14.19 0.55 38.71
CA ASP C 79 -13.16 -0.25 39.37
C ASP C 79 -12.07 -0.70 38.41
N VAL C 80 -12.46 -1.02 37.16
CA VAL C 80 -11.60 -1.50 36.05
C VAL C 80 -10.78 -0.31 35.57
N THR C 81 -11.42 0.91 35.43
CA THR C 81 -10.76 2.16 35.02
C THR C 81 -9.66 2.52 36.05
N ASP C 82 -9.93 2.24 37.35
CA ASP C 82 -8.99 2.51 38.43
C ASP C 82 -7.85 1.51 38.39
N LEU C 83 -8.15 0.23 38.17
CA LEU C 83 -7.14 -0.82 38.07
C LEU C 83 -6.26 -0.61 36.85
N LEU C 84 -6.85 -0.13 35.74
CA LEU C 84 -6.13 0.18 34.51
C LEU C 84 -5.17 1.36 34.74
N ARG C 85 -5.67 2.44 35.35
CA ARG C 85 -4.94 3.67 35.66
C ARG C 85 -3.71 3.35 36.54
N LYS C 86 -3.92 2.55 37.59
CA LYS C 86 -2.89 2.18 38.55
C LYS C 86 -1.87 1.27 37.90
N THR C 87 -2.29 0.41 36.94
CA THR C 87 -1.40 -0.50 36.22
C THR C 87 -0.47 0.32 35.32
N LEU C 88 -0.99 1.38 34.70
CA LEU C 88 -0.19 2.24 33.83
C LEU C 88 0.87 3.01 34.65
N VAL C 89 0.51 3.50 35.87
CA VAL C 89 1.43 4.20 36.78
C VAL C 89 2.55 3.21 37.22
N SER C 90 2.17 1.96 37.52
CA SER C 90 3.10 0.89 37.96
C SER C 90 4.21 0.62 36.96
N TYR C 91 3.89 0.67 35.66
CA TYR C 91 4.82 0.42 34.56
C TYR C 91 5.42 1.74 34.03
N ASN C 92 5.12 2.89 34.68
CA ASN C 92 5.59 4.25 34.33
C ASN C 92 5.25 4.55 32.87
N ILE C 93 3.96 4.43 32.56
CA ILE C 93 3.44 4.61 31.21
C ILE C 93 2.82 5.99 31.15
N LEU C 94 3.57 6.90 30.52
CA LEU C 94 3.16 8.27 30.37
C LEU C 94 2.52 8.52 29.02
N ASP C 95 2.99 7.87 27.93
CA ASP C 95 2.39 8.05 26.61
C ASP C 95 1.91 6.72 26.11
N PHE C 96 0.62 6.64 25.83
CA PHE C 96 0.05 5.37 25.42
C PHE C 96 -1.20 5.50 24.58
N TRP C 97 -1.52 4.39 23.94
CA TRP C 97 -2.68 4.11 23.12
C TRP C 97 -3.42 2.92 23.71
N LEU C 98 -4.74 3.00 23.78
CA LEU C 98 -5.55 1.89 24.24
C LEU C 98 -6.11 1.19 23.04
N VAL C 99 -5.71 -0.07 22.87
CA VAL C 99 -6.14 -0.92 21.78
C VAL C 99 -6.97 -2.06 22.41
N GLY C 100 -8.29 -1.88 22.47
CA GLY C 100 -9.17 -2.88 23.06
C GLY C 100 -10.05 -3.61 22.06
N PHE C 101 -10.29 -4.90 22.29
CA PHE C 101 -11.15 -5.71 21.44
C PHE C 101 -12.42 -6.08 22.21
N SER C 102 -13.60 -5.84 21.59
CA SER C 102 -14.93 -6.12 22.14
C SER C 102 -15.08 -5.54 23.55
N LEU C 103 -15.01 -6.41 24.61
CA LEU C 103 -15.09 -6.00 26.02
C LEU C 103 -13.96 -5.03 26.34
N GLY C 104 -12.79 -5.27 25.74
CA GLY C 104 -11.59 -4.47 25.87
C GLY C 104 -11.82 -3.07 25.36
N GLY C 105 -12.49 -3.00 24.22
CA GLY C 105 -12.85 -1.76 23.54
C GLY C 105 -13.86 -0.99 24.37
N ARG C 106 -14.85 -1.73 24.93
CA ARG C 106 -15.86 -1.19 25.83
C ARG C 106 -15.19 -0.60 27.07
N VAL C 107 -14.19 -1.32 27.65
CA VAL C 107 -13.39 -0.86 28.82
C VAL C 107 -12.55 0.37 28.41
N ALA C 108 -11.82 0.28 27.26
CA ALA C 108 -10.97 1.33 26.68
C ALA C 108 -11.74 2.69 26.48
N MET C 109 -12.95 2.61 25.85
CA MET C 109 -13.82 3.74 25.56
C MET C 109 -14.23 4.46 26.84
N MET C 110 -14.72 3.70 27.84
CA MET C 110 -15.20 4.08 29.17
C MET C 110 -14.08 4.76 30.00
N ALA C 111 -12.85 4.22 29.93
CA ALA C 111 -11.69 4.75 30.64
C ALA C 111 -11.33 6.12 30.08
N ALA C 112 -11.14 6.19 28.73
CA ALA C 112 -10.83 7.40 27.95
C ALA C 112 -11.89 8.47 28.11
N CYS C 113 -13.19 8.10 28.13
CA CYS C 113 -14.29 9.05 28.29
C CYS C 113 -14.29 9.65 29.69
N GLN C 114 -13.82 8.87 30.70
CA GLN C 114 -13.71 9.33 32.09
C GLN C 114 -12.55 10.30 32.20
N GLY C 115 -11.43 9.93 31.61
CA GLY C 115 -10.22 10.72 31.64
C GLY C 115 -9.00 9.89 31.97
N LEU C 116 -7.99 9.98 31.10
CA LEU C 116 -6.71 9.31 31.29
C LEU C 116 -5.58 10.29 30.98
N ALA C 117 -4.67 10.51 31.92
CA ALA C 117 -3.56 11.42 31.61
C ALA C 117 -2.59 10.68 30.71
N GLY C 118 -2.11 11.39 29.71
CA GLY C 118 -1.14 10.87 28.75
C GLY C 118 -1.66 9.91 27.70
N LEU C 119 -2.99 9.84 27.53
CA LEU C 119 -3.63 9.01 26.51
C LEU C 119 -3.45 9.69 25.15
N CYS C 120 -2.82 8.99 24.20
CA CYS C 120 -2.59 9.54 22.87
C CYS C 120 -3.84 9.31 22.01
N GLY C 121 -4.39 8.11 22.08
CA GLY C 121 -5.58 7.73 21.34
C GLY C 121 -6.11 6.35 21.69
N VAL C 122 -7.30 6.01 21.16
CA VAL C 122 -7.89 4.70 21.44
C VAL C 122 -8.32 4.05 20.14
N ILE C 123 -7.98 2.77 19.98
CA ILE C 123 -8.34 1.95 18.82
C ILE C 123 -9.28 0.86 19.33
N VAL C 124 -10.49 0.81 18.77
CA VAL C 124 -11.49 -0.14 19.21
C VAL C 124 -11.82 -1.10 18.08
N GLU C 125 -11.76 -2.41 18.38
CA GLU C 125 -12.13 -3.45 17.45
C GLU C 125 -13.40 -4.12 17.91
N GLY C 126 -14.50 -3.76 17.24
CA GLY C 126 -15.82 -4.29 17.54
C GLY C 126 -16.32 -4.07 18.95
N GLY C 127 -15.98 -2.90 19.52
CA GLY C 127 -16.40 -2.50 20.86
C GLY C 127 -17.69 -1.70 20.83
N HIS C 128 -18.70 -2.14 21.58
CA HIS C 128 -20.02 -1.50 21.62
C HIS C 128 -20.01 -0.15 22.39
N PRO C 129 -20.34 0.97 21.70
CA PRO C 129 -20.35 2.29 22.38
C PRO C 129 -21.49 2.49 23.41
N GLY C 130 -22.47 1.59 23.42
CA GLY C 130 -23.58 1.64 24.36
C GLY C 130 -24.97 1.53 23.77
N LEU C 131 -25.89 0.96 24.56
CA LEU C 131 -27.31 0.81 24.21
C LEU C 131 -28.03 2.15 24.46
N GLN C 132 -29.08 2.42 23.69
CA GLN C 132 -29.70 3.74 23.73
C GLN C 132 -31.02 3.80 24.50
N ASN C 133 -31.78 2.70 24.57
CA ASN C 133 -33.06 2.73 25.29
C ASN C 133 -33.21 1.58 26.31
N ALA C 134 -34.20 1.72 27.24
CA ALA C 134 -34.49 0.78 28.32
C ALA C 134 -34.85 -0.62 27.79
N GLU C 135 -35.48 -0.68 26.61
CA GLU C 135 -35.93 -1.91 25.94
C GLU C 135 -34.73 -2.75 25.53
N GLN C 136 -33.67 -2.08 25.05
CA GLN C 136 -32.44 -2.72 24.61
C GLN C 136 -31.70 -3.29 25.81
N ARG C 137 -31.53 -2.46 26.88
CA ARG C 137 -30.83 -2.74 28.13
C ARG C 137 -31.44 -3.93 28.87
N ALA C 138 -32.79 -3.91 29.07
CA ALA C 138 -33.58 -4.97 29.71
C ALA C 138 -33.37 -6.34 29.05
N GLU C 139 -33.24 -6.35 27.70
CA GLU C 139 -33.03 -7.56 26.92
C GLU C 139 -31.59 -8.08 27.10
N ARG C 140 -30.58 -7.17 27.12
CA ARG C 140 -29.16 -7.56 27.30
C ARG C 140 -28.93 -8.02 28.75
N GLN C 141 -29.67 -7.45 29.72
CA GLN C 141 -29.56 -7.90 31.11
C GLN C 141 -30.04 -9.35 31.20
N ARG C 142 -31.18 -9.65 30.53
CA ARG C 142 -31.86 -10.95 30.43
C ARG C 142 -30.96 -11.95 29.72
N SER C 143 -30.34 -11.54 28.59
CA SER C 143 -29.39 -12.30 27.77
C SER C 143 -28.15 -12.67 28.63
N ASP C 144 -27.59 -11.69 29.35
CA ASP C 144 -26.41 -11.83 30.22
C ASP C 144 -26.73 -12.62 31.46
N ARG C 145 -27.98 -12.55 31.93
CA ARG C 145 -28.47 -13.28 33.09
C ARG C 145 -28.43 -14.77 32.76
N GLN C 146 -29.01 -15.16 31.60
CA GLN C 146 -29.05 -16.54 31.08
C GLN C 146 -27.63 -17.11 30.91
N TRP C 147 -26.69 -16.33 30.34
CA TRP C 147 -25.29 -16.73 30.18
C TRP C 147 -24.58 -16.97 31.53
N VAL C 148 -24.78 -16.07 32.51
CA VAL C 148 -24.16 -16.14 33.83
C VAL C 148 -24.64 -17.40 34.59
N GLN C 149 -25.93 -17.77 34.48
CA GLN C 149 -26.37 -19.00 35.14
C GLN C 149 -25.65 -20.23 34.53
N ARG C 150 -25.41 -20.20 33.19
CA ARG C 150 -24.65 -21.20 32.41
C ARG C 150 -23.18 -21.26 32.84
N PHE C 151 -22.56 -20.09 33.10
CA PHE C 151 -21.15 -19.96 33.52
C PHE C 151 -20.97 -20.43 34.99
N LEU C 152 -22.04 -20.42 35.78
CA LEU C 152 -22.01 -20.86 37.18
C LEU C 152 -22.50 -22.33 37.35
N THR C 153 -22.84 -23.06 36.26
CA THR C 153 -23.33 -24.44 36.35
C THR C 153 -22.74 -25.44 35.33
N GLU C 154 -22.46 -25.04 34.06
CA GLU C 154 -21.98 -26.00 33.03
C GLU C 154 -20.45 -25.98 32.77
N PRO C 155 -19.81 -27.12 32.36
CA PRO C 155 -18.38 -27.06 31.96
C PRO C 155 -18.16 -26.00 30.88
N LEU C 156 -17.02 -25.27 30.94
CA LEU C 156 -16.72 -24.17 30.01
C LEU C 156 -16.64 -24.58 28.52
N THR C 157 -16.33 -25.85 28.19
CA THR C 157 -16.31 -26.32 26.80
C THR C 157 -17.76 -26.30 26.22
N ALA C 158 -18.73 -26.71 27.05
CA ALA C 158 -20.16 -26.70 26.72
C ALA C 158 -20.68 -25.29 26.49
N VAL C 159 -20.36 -24.35 27.42
CA VAL C 159 -20.83 -22.96 27.36
C VAL C 159 -20.20 -22.22 26.15
N PHE C 160 -18.88 -22.40 25.92
CA PHE C 160 -18.18 -21.73 24.83
C PHE C 160 -18.52 -22.33 23.46
N ALA C 161 -19.04 -23.57 23.41
CA ALA C 161 -19.46 -24.20 22.15
C ALA C 161 -20.71 -23.46 21.64
N ASP C 162 -21.60 -23.06 22.55
CA ASP C 162 -22.80 -22.29 22.20
C ASP C 162 -22.44 -20.81 22.04
N TRP C 163 -21.50 -20.31 22.86
CA TRP C 163 -21.01 -18.94 22.78
C TRP C 163 -20.47 -18.64 21.40
N TYR C 164 -19.61 -19.54 20.84
CA TYR C 164 -19.02 -19.25 19.54
C TYR C 164 -19.98 -19.55 18.35
N GLN C 165 -21.24 -19.97 18.67
CA GLN C 165 -22.33 -20.20 17.73
C GLN C 165 -23.36 -19.03 17.75
N GLN C 166 -23.01 -17.93 18.40
CA GLN C 166 -23.83 -16.72 18.43
C GLN C 166 -23.78 -16.04 17.06
N PRO C 167 -24.82 -15.27 16.63
CA PRO C 167 -24.78 -14.67 15.28
C PRO C 167 -23.52 -13.89 14.94
N VAL C 168 -22.98 -13.10 15.91
CA VAL C 168 -21.76 -12.29 15.76
C VAL C 168 -20.50 -13.18 15.42
N PHE C 169 -20.51 -14.48 15.78
CA PHE C 169 -19.41 -15.42 15.53
C PHE C 169 -19.78 -16.52 14.51
N ALA C 170 -20.84 -16.30 13.69
CA ALA C 170 -21.29 -17.27 12.68
C ALA C 170 -20.36 -17.30 11.45
N SER C 171 -19.61 -16.20 11.21
CA SER C 171 -18.61 -16.03 10.14
C SER C 171 -17.56 -17.15 10.20
N LEU C 172 -17.31 -17.69 11.42
CA LEU C 172 -16.34 -18.76 11.71
C LEU C 172 -16.76 -20.10 11.16
N ASN C 173 -15.78 -20.93 10.82
CA ASN C 173 -16.07 -22.30 10.40
C ASN C 173 -16.00 -23.21 11.65
N ASP C 174 -16.05 -24.54 11.48
CA ASP C 174 -16.06 -25.42 12.63
C ASP C 174 -14.65 -25.71 13.20
N ASP C 175 -13.57 -25.57 12.39
CA ASP C 175 -12.22 -25.80 12.93
C ASP C 175 -11.79 -24.58 13.77
N GLN C 176 -12.22 -23.38 13.33
CA GLN C 176 -12.00 -22.09 14.00
C GLN C 176 -12.70 -22.07 15.39
N ARG C 177 -13.95 -22.55 15.45
CA ARG C 177 -14.74 -22.60 16.68
C ARG C 177 -14.14 -23.55 17.68
N ARG C 178 -13.84 -24.79 17.24
CA ARG C 178 -13.20 -25.85 18.03
C ARG C 178 -11.96 -25.32 18.75
N GLU C 179 -11.06 -24.64 17.97
CA GLU C 179 -9.81 -23.99 18.40
C GLU C 179 -10.06 -23.02 19.53
N LEU C 180 -11.05 -22.11 19.38
CA LEU C 180 -11.46 -21.08 20.35
C LEU C 180 -12.10 -21.70 21.59
N VAL C 181 -13.04 -22.65 21.43
CA VAL C 181 -13.69 -23.35 22.55
C VAL C 181 -12.61 -23.98 23.47
N ALA C 182 -11.59 -24.67 22.91
CA ALA C 182 -10.51 -25.27 23.73
C ALA C 182 -9.68 -24.19 24.42
N LEU C 183 -9.40 -23.07 23.70
CA LEU C 183 -8.60 -21.96 24.17
C LEU C 183 -9.31 -21.22 25.33
N ARG C 184 -10.63 -20.94 25.18
CA ARG C 184 -11.42 -20.21 26.18
C ARG C 184 -11.82 -21.03 27.39
N SER C 185 -11.59 -22.35 27.35
CA SER C 185 -11.91 -23.25 28.47
C SER C 185 -10.80 -23.18 29.52
N ASN C 186 -9.72 -22.43 29.21
CA ASN C 186 -8.63 -22.11 30.14
C ASN C 186 -9.06 -20.86 30.88
N ASN C 187 -10.09 -21.02 31.71
CA ASN C 187 -10.78 -20.00 32.48
C ASN C 187 -11.55 -20.62 33.63
N ASN C 188 -12.30 -19.79 34.36
CA ASN C 188 -13.13 -20.21 35.45
C ASN C 188 -14.47 -19.48 35.32
N GLY C 189 -15.54 -20.24 35.16
CA GLY C 189 -16.90 -19.73 34.98
C GLY C 189 -17.41 -18.78 36.04
N ALA C 190 -17.00 -19.00 37.31
CA ALA C 190 -17.40 -18.18 38.46
C ALA C 190 -16.84 -16.76 38.36
N THR C 191 -15.53 -16.63 38.09
CA THR C 191 -14.83 -15.36 37.97
C THR C 191 -15.26 -14.64 36.64
N LEU C 192 -15.48 -15.41 35.54
CA LEU C 192 -15.95 -14.92 34.26
C LEU C 192 -17.33 -14.35 34.40
N ALA C 193 -18.28 -15.10 35.03
CA ALA C 193 -19.66 -14.64 35.22
C ALA C 193 -19.71 -13.29 35.97
N ALA C 194 -18.82 -13.14 36.96
CA ALA C 194 -18.69 -11.95 37.75
C ALA C 194 -18.20 -10.77 36.89
N MET C 195 -17.20 -10.98 36.01
CA MET C 195 -16.71 -9.89 35.16
C MET C 195 -17.77 -9.52 34.13
N LEU C 196 -18.44 -10.54 33.55
CA LEU C 196 -19.54 -10.39 32.60
C LEU C 196 -20.63 -9.48 33.18
N GLU C 197 -21.11 -9.80 34.39
CA GLU C 197 -22.14 -9.08 35.09
C GLU C 197 -21.72 -7.64 35.43
N ALA C 198 -20.48 -7.43 35.97
CA ALA C 198 -19.98 -6.12 36.43
C ALA C 198 -19.74 -5.10 35.29
N THR C 199 -19.23 -5.55 34.15
CA THR C 199 -19.00 -4.65 33.01
C THR C 199 -20.02 -4.94 31.87
N SER C 200 -21.24 -5.42 32.23
CA SER C 200 -22.33 -5.74 31.30
C SER C 200 -22.75 -4.52 30.48
N LEU C 201 -23.04 -4.75 29.18
CA LEU C 201 -23.48 -3.70 28.25
C LEU C 201 -24.83 -3.10 28.72
N ALA C 202 -25.60 -3.85 29.54
CA ALA C 202 -26.87 -3.38 30.09
C ALA C 202 -26.69 -2.19 31.04
N VAL C 203 -25.60 -2.19 31.85
CA VAL C 203 -25.29 -1.11 32.84
C VAL C 203 -24.37 0.00 32.22
N GLN C 204 -23.76 -0.27 31.06
CA GLN C 204 -22.85 0.66 30.40
C GLN C 204 -23.61 1.89 29.84
N PRO C 205 -23.14 3.12 30.12
CA PRO C 205 -23.82 4.31 29.57
C PRO C 205 -23.62 4.45 28.06
N ASP C 206 -24.52 5.21 27.40
CA ASP C 206 -24.44 5.49 26.00
C ASP C 206 -23.33 6.54 25.86
N LEU C 207 -22.12 6.09 25.43
CA LEU C 207 -20.93 6.93 25.27
C LEU C 207 -20.90 7.75 23.99
N ARG C 208 -21.91 7.60 23.08
CA ARG C 208 -21.96 8.32 21.80
C ARG C 208 -21.64 9.83 21.91
N ALA C 209 -22.25 10.55 22.87
CA ALA C 209 -22.07 12.00 23.06
C ALA C 209 -20.68 12.32 23.63
N ASN C 210 -20.20 11.48 24.56
CA ASN C 210 -18.85 11.60 25.15
C ASN C 210 -17.81 11.40 24.05
N LEU C 211 -18.01 10.37 23.21
CA LEU C 211 -17.16 10.03 22.10
C LEU C 211 -17.14 11.17 21.08
N SER C 212 -18.26 11.87 20.94
CA SER C 212 -18.38 13.00 20.03
C SER C 212 -17.57 14.20 20.56
N ALA C 213 -17.55 14.37 21.88
CA ALA C 213 -16.83 15.40 22.63
C ALA C 213 -15.36 14.98 22.92
N ARG C 214 -14.88 13.91 22.27
CA ARG C 214 -13.55 13.37 22.50
C ARG C 214 -12.47 14.41 22.31
N THR C 215 -11.45 14.36 23.18
CA THR C 215 -10.28 15.23 23.19
C THR C 215 -9.13 14.36 22.82
N PHE C 216 -9.37 13.03 22.88
CA PHE C 216 -8.47 11.94 22.51
C PHE C 216 -8.79 11.47 21.12
N ALA C 217 -7.80 11.02 20.36
CA ALA C 217 -8.00 10.46 19.03
C ALA C 217 -8.69 9.09 19.12
N PHE C 218 -9.76 8.86 18.38
CA PHE C 218 -10.50 7.61 18.43
C PHE C 218 -10.66 7.03 17.01
N TYR C 219 -10.39 5.69 16.90
CA TYR C 219 -10.40 4.82 15.72
C TYR C 219 -11.22 3.58 15.96
N TYR C 220 -11.73 2.96 14.88
CA TYR C 220 -12.57 1.77 14.95
C TYR C 220 -12.16 0.75 13.89
N LEU C 221 -11.84 -0.48 14.29
CA LEU C 221 -11.53 -1.58 13.36
C LEU C 221 -12.71 -2.55 13.32
N CYS C 222 -13.02 -3.08 12.15
CA CYS C 222 -14.10 -4.04 11.92
C CYS C 222 -13.71 -5.07 10.92
N GLY C 223 -14.08 -6.31 11.17
CA GLY C 223 -13.93 -7.37 10.18
C GLY C 223 -15.05 -7.11 9.20
N GLU C 224 -14.78 -7.24 7.87
CA GLU C 224 -15.80 -6.93 6.87
C GLU C 224 -17.08 -7.78 7.04
N ARG C 225 -16.99 -8.97 7.67
CA ARG C 225 -18.13 -9.82 7.90
C ARG C 225 -18.87 -9.47 9.25
N ASP C 226 -18.40 -8.46 10.01
CA ASP C 226 -19.02 -8.06 11.28
C ASP C 226 -19.98 -6.86 11.07
N SER C 227 -21.09 -7.12 10.35
CA SER C 227 -22.16 -6.20 10.01
C SER C 227 -22.68 -5.40 11.21
N LYS C 228 -22.78 -6.06 12.38
CA LYS C 228 -23.30 -5.47 13.60
C LYS C 228 -22.42 -4.32 14.07
N PHE C 229 -21.10 -4.56 14.20
CA PHE C 229 -20.18 -3.53 14.70
C PHE C 229 -19.81 -2.53 13.58
N ARG C 230 -19.95 -2.95 12.31
CA ARG C 230 -19.75 -2.05 11.16
C ARG C 230 -20.84 -0.96 11.15
N ALA C 231 -22.06 -1.31 11.61
CA ALA C 231 -23.20 -0.42 11.71
C ALA C 231 -23.09 0.50 12.95
N LEU C 232 -22.53 -0.02 14.07
CA LEU C 232 -22.35 0.77 15.31
C LEU C 232 -21.25 1.81 15.12
N ALA C 233 -20.14 1.43 14.42
CA ALA C 233 -19.03 2.29 14.05
C ALA C 233 -19.52 3.42 13.18
N ALA C 234 -20.46 3.12 12.24
CA ALA C 234 -21.03 4.11 11.32
C ALA C 234 -21.85 5.16 12.05
N GLU C 235 -22.47 4.80 13.18
CA GLU C 235 -23.25 5.73 14.01
C GLU C 235 -22.34 6.78 14.68
N LEU C 236 -21.07 6.41 14.85
CA LEU C 236 -20.01 7.19 15.47
C LEU C 236 -19.31 8.03 14.42
N ALA C 237 -19.72 7.86 13.12
CA ALA C 237 -19.12 8.47 11.94
C ALA C 237 -17.62 8.20 11.98
N ALA C 238 -17.26 7.09 12.65
CA ALA C 238 -15.91 6.58 12.83
C ALA C 238 -15.51 5.93 11.53
N ASP C 239 -14.62 6.60 10.75
CA ASP C 239 -14.15 6.14 9.43
C ASP C 239 -13.38 4.85 9.66
N CYS C 240 -14.17 3.82 9.93
CA CYS C 240 -13.81 2.47 10.29
C CYS C 240 -12.78 1.85 9.32
N HIS C 241 -11.85 1.10 9.89
CA HIS C 241 -10.84 0.40 9.15
C HIS C 241 -11.35 -1.04 8.99
N VAL C 242 -11.93 -1.30 7.82
CA VAL C 242 -12.58 -2.56 7.45
C VAL C 242 -11.49 -3.63 7.17
N ILE C 243 -11.57 -4.78 7.85
CA ILE C 243 -10.58 -5.86 7.73
C ILE C 243 -11.12 -6.96 6.80
N PRO C 244 -10.43 -7.26 5.68
CA PRO C 244 -10.96 -8.28 4.74
C PRO C 244 -10.89 -9.71 5.28
N ARG C 245 -11.80 -10.58 4.79
CA ARG C 245 -11.88 -12.02 5.11
C ARG C 245 -11.98 -12.28 6.65
N ALA C 246 -12.61 -11.35 7.39
CA ALA C 246 -12.70 -11.43 8.85
C ALA C 246 -14.08 -11.06 9.38
N GLY C 247 -14.38 -11.59 10.56
CA GLY C 247 -15.63 -11.34 11.28
C GLY C 247 -15.41 -10.44 12.47
N HIS C 248 -16.02 -10.79 13.61
CA HIS C 248 -15.98 -10.04 14.86
C HIS C 248 -14.55 -10.00 15.44
N ASN C 249 -13.89 -11.13 15.55
CA ASN C 249 -12.50 -11.16 16.00
C ASN C 249 -11.59 -11.14 14.73
N ALA C 250 -11.35 -9.93 14.20
CA ALA C 250 -10.62 -9.69 12.95
C ALA C 250 -9.12 -9.91 13.14
N HIS C 251 -8.57 -9.59 14.33
CA HIS C 251 -7.15 -9.80 14.59
C HIS C 251 -6.77 -11.29 14.63
N ARG C 252 -7.71 -12.20 14.91
CA ARG C 252 -7.37 -13.63 14.88
C ARG C 252 -7.44 -14.15 13.45
N GLU C 253 -8.57 -13.86 12.77
CA GLU C 253 -8.90 -14.28 11.41
C GLU C 253 -7.89 -13.69 10.42
N ASN C 254 -7.67 -12.38 10.48
CA ASN C 254 -6.74 -11.68 9.63
C ASN C 254 -5.71 -10.81 10.46
N PRO C 255 -4.74 -11.41 11.21
CA PRO C 255 -3.76 -10.58 11.96
C PRO C 255 -2.99 -9.56 11.11
N ALA C 256 -2.53 -9.99 9.90
CA ALA C 256 -1.78 -9.22 8.91
C ALA C 256 -2.60 -8.02 8.33
N GLY C 257 -3.93 -8.17 8.27
CA GLY C 257 -4.86 -7.11 7.88
C GLY C 257 -5.04 -6.11 9.02
N VAL C 258 -5.14 -6.61 10.28
CA VAL C 258 -5.24 -5.77 11.47
C VAL C 258 -3.89 -5.02 11.65
N ILE C 259 -2.72 -5.68 11.47
CA ILE C 259 -1.42 -4.97 11.57
C ILE C 259 -1.37 -3.80 10.52
N ALA C 260 -1.75 -4.10 9.25
CA ALA C 260 -1.81 -3.18 8.12
C ALA C 260 -2.63 -1.93 8.47
N SER C 261 -3.82 -2.15 9.03
CA SER C 261 -4.78 -1.14 9.49
C SER C 261 -4.22 -0.31 10.64
N LEU C 262 -3.64 -1.01 11.67
CA LEU C 262 -3.03 -0.35 12.83
C LEU C 262 -1.90 0.54 12.41
N ALA C 263 -1.04 0.06 11.47
CA ALA C 263 0.08 0.81 10.91
C ALA C 263 -0.37 2.10 10.22
N GLN C 264 -1.52 2.07 9.50
CA GLN C 264 -1.95 3.28 8.83
C GLN C 264 -2.48 4.31 9.83
N ILE C 265 -3.02 3.86 10.99
CA ILE C 265 -3.51 4.73 12.07
C ILE C 265 -2.34 5.32 12.84
N LEU C 266 -1.40 4.46 13.22
CA LEU C 266 -0.26 4.82 14.07
C LEU C 266 0.90 5.54 13.36
N ARG C 267 1.24 5.19 12.11
CA ARG C 267 2.45 5.75 11.49
C ARG C 267 2.23 6.99 10.59
N PHE C 268 1.02 7.54 10.65
CA PHE C 268 0.60 8.73 9.90
C PHE C 268 0.06 9.80 10.84
S SO4 D . 15.26 -21.51 -5.99
O1 SO4 D . 15.91 -22.81 -5.99
O2 SO4 D . 14.96 -21.08 -7.35
O3 SO4 D . 14.03 -21.58 -5.22
O4 SO4 D . 16.16 -20.55 -5.38
S SO4 E . 24.71 -14.35 -16.19
O1 SO4 E . 25.87 -14.97 -16.86
O2 SO4 E . 23.91 -13.62 -17.17
O3 SO4 E . 23.89 -15.38 -15.52
O4 SO4 E . 25.20 -13.42 -15.16
S SO4 F . 24.35 -4.81 8.17
O1 SO4 F . 24.11 -5.62 6.97
O2 SO4 F . 24.05 -3.41 7.90
O3 SO4 F . 23.51 -5.29 9.28
O4 SO4 F . 25.76 -4.94 8.54
S SO4 G . -1.98 3.22 -3.44
O1 SO4 G . -1.54 2.98 -4.82
O2 SO4 G . -2.06 4.66 -3.18
O3 SO4 G . -3.29 2.59 -3.23
O4 SO4 G . -1.07 2.65 -2.47
CL CL H . 6.36 -21.95 -2.02
C1 EDO I . 15.58 -25.36 -2.59
O1 EDO I . 15.60 -23.95 -2.73
C2 EDO I . 15.41 -26.04 -3.96
O2 EDO I . 15.79 -27.40 -3.84
S SO4 J . 3.44 25.13 -17.25
O1 SO4 J . 3.80 24.51 -18.51
O2 SO4 J . 2.61 26.28 -17.52
O3 SO4 J . 2.71 24.15 -16.46
O4 SO4 J . 4.65 25.53 -16.53
S SO4 K . 20.42 9.00 -21.40
O1 SO4 K . 19.20 8.47 -21.98
O2 SO4 K . 21.32 9.49 -22.45
O3 SO4 K . 20.09 10.10 -20.47
O4 SO4 K . 21.13 7.96 -20.66
S SO4 L . 6.90 18.89 -35.64
O1 SO4 L . 7.20 17.55 -36.15
O2 SO4 L . 8.15 19.66 -35.50
O3 SO4 L . 6.01 19.57 -36.59
O4 SO4 L . 6.24 18.80 -34.34
S SO4 M . -5.67 5.40 -7.81
O1 SO4 M . -4.96 6.36 -8.66
O2 SO4 M . -6.95 5.98 -7.39
O3 SO4 M . -5.91 4.16 -8.55
O4 SO4 M . -4.84 5.13 -6.64
CL CL N . 7.28 21.70 -25.18
C1 GOL O . 13.43 25.14 -13.99
O1 GOL O . 13.05 25.60 -15.29
C2 GOL O . 13.15 26.18 -12.93
O2 GOL O . 12.90 25.53 -11.68
C3 GOL O . 14.25 27.19 -12.77
O3 GOL O . 15.25 26.73 -11.85
CL CL P . 12.79 14.39 -30.79
S SO4 Q . -18.90 -7.97 24.64
O1 SO4 Q . -17.88 -8.78 24.01
O2 SO4 Q . -18.92 -6.62 24.09
O3 SO4 Q . -20.21 -8.60 24.39
O4 SO4 Q . -18.63 -7.89 26.08
S SO4 R . 11.77 -6.75 26.26
O1 SO4 R . 11.58 -6.44 24.83
O2 SO4 R . 10.85 -5.95 27.05
O3 SO4 R . 11.53 -8.16 26.54
O4 SO4 R . 13.12 -6.38 26.69
S SO4 S . -3.03 15.01 29.49
O1 SO4 S . -2.84 14.11 28.34
O2 SO4 S . -3.14 16.38 29.02
O3 SO4 S . -4.25 14.64 30.23
O4 SO4 S . -1.89 14.90 30.40
S SO4 T . -4.45 -20.45 19.67
O1 SO4 T . -3.59 -20.69 18.51
O2 SO4 T . -4.26 -19.08 20.15
O3 SO4 T . -5.85 -20.65 19.29
O4 SO4 T . -4.10 -21.39 20.73
S SO4 U . -0.39 -4.45 44.65
O1 SO4 U . -0.73 -5.58 43.78
O2 SO4 U . -0.40 -3.20 43.88
O3 SO4 U . -1.40 -4.35 45.71
O4 SO4 U . 0.93 -4.68 45.23
CL CL V . -15.10 -23.62 35.58
CL CL W . -13.24 -14.13 20.61
C1 GOL X . -7.11 11.60 34.98
O1 GOL X . -6.82 12.63 34.04
C2 GOL X . -5.91 11.28 35.84
O2 GOL X . -6.33 10.90 37.15
C3 GOL X . -4.97 10.23 35.27
O3 GOL X . -5.63 9.18 34.58
CL CL Y . -22.20 -4.17 6.47
CL CL Z . 6.00 6.72 28.19
#